data_7VZS
#
_entry.id   7VZS
#
_cell.length_a   52.933
_cell.length_b   67.079
_cell.length_c   150.681
_cell.angle_alpha   90.00
_cell.angle_beta   97.13
_cell.angle_gamma   90.00
#
_symmetry.space_group_name_H-M   'P 1 21 1'
#
loop_
_entity.id
_entity.type
_entity.pdbx_description
1 polymer 'GMC oxidoreductase'
2 non-polymer 'FLAVIN-ADENINE DINUCLEOTIDE'
3 non-polymer D-glucal
4 non-polymer '4-(2-HYDROXYETHYL)-1-PIPERAZINE ETHANESULFONIC ACID'
5 non-polymer 'SULFATE ION'
6 non-polymer 'PENTAETHYLENE GLYCOL'
7 water water
#
_entity_poly.entity_id   1
_entity_poly.type   'polypeptide(L)'
_entity_poly.pdbx_seq_one_letter_code
;MKNTTTYDYIVVGGGTSGLVVANRLSENPDVSVLLLEAGASVFNNPDVTNANGYGLAFGSAIDWQYQSINQSYAGGKQQV
LRAGKALGGTSTINGMAYTRAEDVQIDVWQKLGNEGWTWKDLLPYYLKSENLTAPTSSQVAAGAAYNPAVNGKEGPLKVG
WSGSLASGNLSVALNRTFQAAGVPWVEDVNGGKMRGFNIYPSTLDVDLNVREDAARAYYFPYDDRKNLHLLENTTANRLF
WKNGSAEEAIADGVEITSADGKVTRVHAKKEVIISAGALRSPLILELSGVGNPTILKKNNITPRVDLPTVGENLQDQFNN
GMAGEGYGVLAGASTVTYPSISDVFGNETDSIVASLRSQLSDYAAATVKVSNGHMKQEDLERLYQLQFDLIVKDKVPIAE
ILFHPGGGNAVSSEFWGLLPFARGNIHISSNDPTAPAAINPNYFMFEWDGKSQAGIAKYIRKILRSAPLNKLIAKETKPG
LSEIPATAADEKWVEWLKANYRSNFHPVGTAAMMPRSIGGVVDNRLRVYGTSNVRVVDASVLPFQVCGHLVSTLYAVAER
ASDLIKEDAKSA
;
_entity_poly.pdbx_strand_id   A,B
#
# COMPACT_ATOMS: atom_id res chain seq x y z
N THR A 4 -28.65 -55.25 0.56
CA THR A 4 -28.74 -54.51 1.85
C THR A 4 -27.70 -53.39 1.95
N THR A 5 -26.67 -53.41 1.10
CA THR A 5 -25.62 -52.38 1.16
C THR A 5 -25.65 -51.42 -0.02
N THR A 6 -26.76 -51.42 -0.77
CA THR A 6 -26.85 -50.61 -1.98
C THR A 6 -27.81 -49.42 -1.82
N TYR A 7 -27.33 -48.23 -2.17
CA TYR A 7 -28.06 -46.95 -2.10
C TYR A 7 -27.95 -46.23 -3.44
N ASP A 8 -28.84 -45.27 -3.71
CA ASP A 8 -28.70 -44.51 -4.96
C ASP A 8 -27.46 -43.60 -4.96
N TYR A 9 -27.28 -42.90 -3.85
CA TYR A 9 -26.15 -41.97 -3.67
C TYR A 9 -25.45 -42.25 -2.37
N ILE A 10 -24.11 -42.18 -2.41
CA ILE A 10 -23.32 -42.19 -1.18
C ILE A 10 -22.64 -40.85 -1.07
N VAL A 11 -22.80 -40.18 0.07
CA VAL A 11 -22.10 -38.91 0.32
C VAL A 11 -21.02 -39.16 1.38
N VAL A 12 -19.76 -38.98 0.98
CA VAL A 12 -18.64 -39.24 1.88
C VAL A 12 -18.35 -37.95 2.64
N GLY A 13 -18.61 -37.94 3.95
CA GLY A 13 -18.31 -36.80 4.80
C GLY A 13 -19.56 -36.01 5.13
N GLY A 14 -20.01 -36.09 6.38
CA GLY A 14 -21.21 -35.37 6.78
C GLY A 14 -20.85 -34.02 7.37
N GLY A 15 -20.14 -33.21 6.58
CA GLY A 15 -19.69 -31.90 7.06
C GLY A 15 -20.44 -30.78 6.39
N THR A 16 -19.78 -29.63 6.26
CA THR A 16 -20.40 -28.39 5.84
C THR A 16 -21.14 -28.58 4.52
N SER A 17 -20.41 -29.08 3.53
CA SER A 17 -20.94 -29.27 2.16
C SER A 17 -21.76 -30.55 2.05
N GLY A 18 -21.21 -31.64 2.60
CA GLY A 18 -21.82 -32.97 2.48
C GLY A 18 -23.27 -33.02 2.95
N LEU A 19 -23.56 -32.34 4.05
CA LEU A 19 -24.90 -32.36 4.61
C LEU A 19 -25.92 -31.64 3.73
N VAL A 20 -25.48 -30.59 3.01
CA VAL A 20 -26.33 -29.94 2.01
C VAL A 20 -26.73 -30.92 0.93
N VAL A 21 -25.74 -31.63 0.39
CA VAL A 21 -26.01 -32.57 -0.72
C VAL A 21 -26.96 -33.66 -0.25
N ALA A 22 -26.69 -34.23 0.93
CA ALA A 22 -27.51 -35.32 1.42
C ALA A 22 -28.94 -34.85 1.69
N ASN A 23 -29.09 -33.67 2.28
CA ASN A 23 -30.39 -33.07 2.47
C ASN A 23 -31.10 -32.91 1.14
N ARG A 24 -30.44 -32.31 0.15
CA ARG A 24 -31.16 -31.97 -1.08
C ARG A 24 -31.51 -33.18 -1.90
N LEU A 25 -30.60 -34.15 -1.99
CA LEU A 25 -30.87 -35.34 -2.79
C LEU A 25 -31.96 -36.21 -2.16
N SER A 26 -32.05 -36.18 -0.83
CA SER A 26 -33.05 -36.97 -0.11
C SER A 26 -34.44 -36.29 -0.08
N GLU A 27 -34.56 -35.14 -0.74
CA GLU A 27 -35.89 -34.49 -0.88
C GLU A 27 -36.85 -35.34 -1.70
N ASN A 28 -36.30 -36.13 -2.62
CA ASN A 28 -37.07 -37.14 -3.36
C ASN A 28 -37.20 -38.40 -2.52
N PRO A 29 -38.43 -38.72 -2.05
CA PRO A 29 -38.53 -39.86 -1.14
C PRO A 29 -38.27 -41.23 -1.82
N ASP A 30 -38.15 -41.28 -3.15
CA ASP A 30 -37.82 -42.53 -3.86
C ASP A 30 -36.32 -42.75 -4.04
N VAL A 31 -35.52 -41.79 -3.57
CA VAL A 31 -34.09 -41.83 -3.75
C VAL A 31 -33.40 -42.09 -2.40
N SER A 32 -32.57 -43.14 -2.32
CA SER A 32 -31.91 -43.44 -1.05
C SER A 32 -30.52 -42.79 -1.02
N VAL A 33 -30.19 -42.23 0.13
CA VAL A 33 -28.91 -41.53 0.30
C VAL A 33 -28.23 -42.03 1.55
N LEU A 34 -26.97 -42.44 1.40
CA LEU A 34 -26.15 -42.83 2.56
C LEU A 34 -25.12 -41.77 2.85
N LEU A 35 -25.16 -41.24 4.07
CA LEU A 35 -24.14 -40.33 4.58
C LEU A 35 -23.14 -41.10 5.42
N LEU A 36 -21.87 -41.01 5.06
CA LEU A 36 -20.77 -41.57 5.84
C LEU A 36 -20.08 -40.45 6.60
N GLU A 37 -19.99 -40.58 7.92
CA GLU A 37 -19.26 -39.57 8.70
C GLU A 37 -18.32 -40.23 9.69
N ALA A 38 -17.05 -39.83 9.67
CA ALA A 38 -16.02 -40.41 10.52
C ALA A 38 -16.25 -40.06 11.99
N GLY A 39 -16.80 -38.87 12.23
CA GLY A 39 -17.13 -38.42 13.59
C GLY A 39 -18.56 -38.79 13.96
N ALA A 40 -19.12 -38.09 14.94
CA ALA A 40 -20.48 -38.36 15.40
C ALA A 40 -21.20 -37.06 15.74
N SER A 41 -22.50 -37.16 16.07
CA SER A 41 -23.30 -36.01 16.48
C SER A 41 -22.58 -35.18 17.53
N VAL A 42 -22.69 -33.87 17.41
CA VAL A 42 -22.24 -32.95 18.45
C VAL A 42 -23.42 -32.06 18.89
N PHE A 43 -24.64 -32.54 18.67
CA PHE A 43 -25.85 -31.80 19.02
C PHE A 43 -25.82 -31.28 20.46
N ASN A 44 -25.30 -32.11 21.35
CA ASN A 44 -25.25 -31.83 22.78
C ASN A 44 -23.88 -31.50 23.34
N ASN A 45 -22.90 -31.30 22.45
CA ASN A 45 -21.55 -30.97 22.86
C ASN A 45 -21.44 -29.48 23.22
N PRO A 46 -21.25 -29.16 24.52
CA PRO A 46 -21.27 -27.73 24.89
C PRO A 46 -20.16 -26.86 24.28
N ASP A 47 -18.98 -27.42 23.99
CA ASP A 47 -17.96 -26.70 23.24
C ASP A 47 -18.48 -26.26 21.85
N VAL A 48 -19.41 -27.03 21.30
CA VAL A 48 -19.99 -26.73 19.98
C VAL A 48 -21.17 -25.74 20.09
N THR A 49 -22.11 -26.01 21.00
CA THR A 49 -23.35 -25.23 21.01
C THR A 49 -23.10 -23.81 21.50
N ASN A 50 -22.12 -23.65 22.39
CA ASN A 50 -21.83 -22.36 23.01
C ASN A 50 -21.56 -21.27 21.97
N ALA A 51 -22.47 -20.29 21.91
CA ALA A 51 -22.35 -19.18 20.95
C ALA A 51 -21.09 -18.35 21.15
N ASN A 52 -20.48 -18.46 22.32
CA ASN A 52 -19.24 -17.78 22.64
C ASN A 52 -18.08 -18.77 22.82
N GLY A 53 -18.23 -19.95 22.23
CA GLY A 53 -17.31 -21.06 22.50
C GLY A 53 -16.17 -21.24 21.51
N TYR A 54 -16.06 -20.33 20.55
CA TYR A 54 -14.99 -20.48 19.54
C TYR A 54 -13.61 -20.64 20.20
N GLY A 55 -12.90 -21.71 19.83
CA GLY A 55 -11.60 -22.02 20.44
C GLY A 55 -11.67 -23.17 21.44
N LEU A 56 -12.81 -23.34 22.09
CA LEU A 56 -12.90 -24.34 23.16
C LEU A 56 -12.65 -25.78 22.66
N ALA A 57 -13.06 -26.06 21.42
CA ALA A 57 -12.96 -27.43 20.87
C ALA A 57 -11.61 -27.74 20.24
N PHE A 58 -10.72 -26.74 20.15
CA PHE A 58 -9.39 -26.92 19.55
C PHE A 58 -8.66 -27.99 20.33
N GLY A 59 -8.10 -28.95 19.62
CA GLY A 59 -7.31 -30.01 20.24
C GLY A 59 -8.13 -31.08 20.92
N SER A 60 -9.47 -30.96 20.87
CA SER A 60 -10.36 -31.97 21.44
C SER A 60 -10.54 -33.14 20.47
N ALA A 61 -11.37 -34.10 20.86
CA ALA A 61 -11.67 -35.28 20.05
C ALA A 61 -12.40 -34.96 18.75
N ILE A 62 -12.99 -33.77 18.67
CA ILE A 62 -13.70 -33.36 17.44
C ILE A 62 -12.85 -32.46 16.54
N ASP A 63 -11.55 -32.36 16.83
CA ASP A 63 -10.60 -31.58 16.02
C ASP A 63 -9.63 -32.61 15.41
N TRP A 64 -9.63 -32.75 14.08
CA TRP A 64 -8.70 -33.65 13.37
C TRP A 64 -7.23 -33.35 13.65
N GLN A 65 -6.94 -32.07 13.88
CA GLN A 65 -5.59 -31.63 14.16
C GLN A 65 -4.59 -32.19 13.15
N TYR A 66 -4.90 -32.07 11.87
CA TYR A 66 -3.94 -32.41 10.81
C TYR A 66 -2.69 -31.56 10.96
N GLN A 67 -1.54 -32.06 10.50
CA GLN A 67 -0.28 -31.33 10.65
CA GLN A 67 -0.26 -31.39 10.67
C GLN A 67 0.46 -31.25 9.33
N SER A 68 1.00 -30.07 9.06
CA SER A 68 1.80 -29.83 7.85
C SER A 68 3.20 -30.42 7.99
N ILE A 69 3.88 -30.49 6.86
CA ILE A 69 5.31 -30.74 6.82
C ILE A 69 6.05 -29.46 7.24
N ASN A 70 7.37 -29.53 7.42
CA ASN A 70 8.16 -28.34 7.73
C ASN A 70 7.87 -27.26 6.69
N GLN A 71 7.53 -26.06 7.17
CA GLN A 71 7.20 -24.95 6.28
C GLN A 71 8.47 -24.18 6.00
N SER A 72 9.14 -24.58 4.93
CA SER A 72 10.52 -24.13 4.71
C SER A 72 10.68 -22.65 4.34
N TYR A 73 9.59 -22.00 3.90
CA TYR A 73 9.64 -20.57 3.56
C TYR A 73 9.22 -19.68 4.72
N ALA A 74 8.82 -20.31 5.82
CA ALA A 74 8.19 -19.57 6.92
C ALA A 74 8.97 -19.77 8.22
N GLY A 75 10.19 -20.26 8.11
CA GLY A 75 11.02 -20.51 9.29
C GLY A 75 11.14 -21.97 9.72
N GLY A 76 10.49 -22.90 9.02
CA GLY A 76 10.74 -24.32 9.21
C GLY A 76 9.77 -25.12 10.07
N LYS A 77 9.00 -24.46 10.94
CA LYS A 77 8.11 -25.16 11.88
C LYS A 77 6.92 -25.81 11.16
N GLN A 78 6.43 -26.92 11.70
CA GLN A 78 5.18 -27.51 11.18
C GLN A 78 3.96 -26.77 11.75
N GLN A 79 2.84 -26.82 11.03
CA GLN A 79 1.65 -26.09 11.44
C GLN A 79 0.45 -27.02 11.58
N VAL A 80 -0.35 -26.82 12.62
CA VAL A 80 -1.61 -27.56 12.74
C VAL A 80 -2.62 -26.97 11.76
N LEU A 81 -3.36 -27.84 11.06
CA LEU A 81 -4.44 -27.40 10.19
C LEU A 81 -5.67 -28.03 10.79
N ARG A 82 -6.49 -27.20 11.44
CA ARG A 82 -7.61 -27.72 12.18
C ARG A 82 -8.80 -28.04 11.27
N ALA A 83 -9.60 -29.00 11.71
CA ALA A 83 -10.79 -29.42 10.96
C ALA A 83 -11.72 -30.19 11.88
N GLY A 84 -13.01 -30.05 11.64
CA GLY A 84 -14.02 -30.71 12.47
C GLY A 84 -14.19 -32.19 12.16
N LYS A 85 -14.12 -33.02 13.21
CA LYS A 85 -14.41 -34.44 13.13
C LYS A 85 -15.70 -34.62 13.89
N ALA A 86 -16.82 -34.52 13.18
CA ALA A 86 -18.15 -34.41 13.76
C ALA A 86 -19.18 -34.38 12.65
N LEU A 87 -20.39 -34.80 12.98
CA LEU A 87 -21.53 -34.54 12.13
C LEU A 87 -21.73 -33.02 12.09
N GLY A 88 -21.59 -32.45 10.89
CA GLY A 88 -21.49 -30.99 10.72
C GLY A 88 -20.10 -30.50 10.34
N GLY A 89 -19.11 -31.37 10.48
CA GLY A 89 -17.75 -31.09 10.07
C GLY A 89 -17.13 -29.86 10.72
N THR A 90 -16.42 -29.08 9.90
CA THR A 90 -15.67 -27.94 10.43
C THR A 90 -16.58 -26.78 10.87
N SER A 91 -17.83 -26.79 10.38
CA SER A 91 -18.85 -25.83 10.85
C SER A 91 -19.11 -25.91 12.37
N THR A 92 -18.75 -27.03 13.00
CA THR A 92 -18.98 -27.23 14.45
C THR A 92 -17.90 -26.60 15.35
N ILE A 93 -16.75 -26.29 14.77
CA ILE A 93 -15.62 -25.73 15.52
C ILE A 93 -15.12 -24.37 15.04
N ASN A 94 -15.79 -23.83 14.03
CA ASN A 94 -15.26 -22.62 13.38
C ASN A 94 -15.64 -21.33 14.13
N GLY A 95 -15.27 -20.18 13.58
CA GLY A 95 -15.49 -18.89 14.24
C GLY A 95 -16.88 -18.31 14.04
N MET A 96 -17.72 -18.99 13.24
CA MET A 96 -19.14 -18.66 13.00
C MET A 96 -19.39 -17.39 12.16
N ALA A 97 -18.35 -16.80 11.61
CA ALA A 97 -18.52 -15.55 10.86
C ALA A 97 -19.18 -15.89 9.52
N TYR A 98 -20.18 -15.10 9.12
CA TYR A 98 -20.86 -15.34 7.84
C TYR A 98 -20.56 -14.17 6.89
N THR A 99 -19.60 -14.36 5.97
CA THR A 99 -19.32 -13.39 4.90
C THR A 99 -18.99 -14.14 3.61
N ARG A 100 -19.21 -13.50 2.47
CA ARG A 100 -19.21 -14.27 1.20
C ARG A 100 -17.95 -14.03 0.38
N ALA A 101 -18.10 -13.40 -0.79
CA ALA A 101 -17.01 -13.30 -1.76
C ALA A 101 -17.26 -12.04 -2.59
N GLU A 102 -16.24 -11.55 -3.28
CA GLU A 102 -16.47 -10.43 -4.18
C GLU A 102 -17.12 -10.98 -5.45
N ASP A 103 -18.10 -10.27 -5.96
CA ASP A 103 -18.80 -10.74 -7.18
C ASP A 103 -17.86 -11.17 -8.29
N VAL A 104 -16.89 -10.32 -8.61
CA VAL A 104 -15.91 -10.57 -9.70
C VAL A 104 -15.02 -11.78 -9.46
N GLN A 105 -14.82 -12.17 -8.20
CA GLN A 105 -13.97 -13.34 -7.96
C GLN A 105 -14.74 -14.67 -8.18
N ILE A 106 -16.06 -14.64 -8.07
CA ILE A 106 -16.88 -15.76 -8.53
C ILE A 106 -17.01 -15.72 -10.07
N ASP A 107 -17.20 -14.52 -10.63
CA ASP A 107 -17.23 -14.36 -12.09
C ASP A 107 -15.98 -14.95 -12.75
N VAL A 108 -14.84 -14.81 -12.08
CA VAL A 108 -13.57 -15.40 -12.57
C VAL A 108 -13.66 -16.92 -12.81
N TRP A 109 -14.48 -17.63 -12.04
CA TRP A 109 -14.67 -19.07 -12.30
C TRP A 109 -15.13 -19.35 -13.73
N GLN A 110 -16.13 -18.61 -14.21
CA GLN A 110 -16.59 -18.76 -15.60
C GLN A 110 -15.54 -18.29 -16.60
N LYS A 111 -14.84 -17.20 -16.28
CA LYS A 111 -13.74 -16.71 -17.12
C LYS A 111 -12.67 -17.77 -17.35
N LEU A 112 -12.31 -18.54 -16.32
CA LEU A 112 -11.27 -19.53 -16.51
C LEU A 112 -11.79 -20.80 -17.24
N GLY A 113 -13.10 -20.87 -17.44
CA GLY A 113 -13.70 -21.92 -18.28
C GLY A 113 -14.77 -22.79 -17.63
N ASN A 114 -15.19 -22.43 -16.40
CA ASN A 114 -16.18 -23.21 -15.66
C ASN A 114 -17.57 -22.64 -15.95
N GLU A 115 -18.23 -23.19 -16.97
CA GLU A 115 -19.50 -22.61 -17.45
C GLU A 115 -20.60 -22.66 -16.39
N GLY A 116 -21.26 -21.53 -16.20
CA GLY A 116 -22.40 -21.46 -15.30
C GLY A 116 -22.06 -20.96 -13.91
N TRP A 117 -20.76 -20.70 -13.66
CA TRP A 117 -20.28 -20.24 -12.34
C TRP A 117 -19.92 -18.76 -12.37
N THR A 118 -20.89 -17.93 -11.98
CA THR A 118 -20.72 -16.47 -11.85
C THR A 118 -21.45 -16.01 -10.60
N TRP A 119 -21.19 -14.78 -10.18
CA TRP A 119 -21.90 -14.24 -9.04
C TRP A 119 -23.41 -14.28 -9.23
N LYS A 120 -23.89 -13.87 -10.41
CA LYS A 120 -25.32 -13.86 -10.73
C LYS A 120 -25.94 -15.26 -10.61
N ASP A 121 -25.19 -16.26 -11.05
CA ASP A 121 -25.66 -17.65 -10.99
C ASP A 121 -25.61 -18.22 -9.58
N LEU A 122 -24.70 -17.71 -8.76
CA LEU A 122 -24.50 -18.32 -7.46
C LEU A 122 -25.36 -17.64 -6.42
N LEU A 123 -25.62 -16.34 -6.62
CA LEU A 123 -26.45 -15.58 -5.65
C LEU A 123 -27.75 -16.29 -5.21
N PRO A 124 -28.57 -16.82 -6.16
CA PRO A 124 -29.80 -17.51 -5.75
C PRO A 124 -29.56 -18.65 -4.77
N TYR A 125 -28.37 -19.26 -4.86
CA TYR A 125 -28.02 -20.38 -3.98
C TYR A 125 -27.50 -19.94 -2.60
N TYR A 126 -26.78 -18.82 -2.53
CA TYR A 126 -26.55 -18.19 -1.23
C TYR A 126 -27.91 -17.93 -0.56
N LEU A 127 -28.84 -17.32 -1.29
CA LEU A 127 -30.19 -17.02 -0.75
C LEU A 127 -30.91 -18.29 -0.30
N LYS A 128 -30.94 -19.29 -1.17
CA LYS A 128 -31.58 -20.57 -0.86
C LYS A 128 -31.08 -21.17 0.47
N SER A 129 -29.79 -21.00 0.78
CA SER A 129 -29.20 -21.61 1.96
C SER A 129 -29.56 -20.92 3.27
N GLU A 130 -29.92 -19.64 3.21
CA GLU A 130 -29.83 -18.75 4.37
C GLU A 130 -31.19 -18.37 4.94
N ASN A 131 -31.29 -18.33 6.27
CA ASN A 131 -32.42 -17.74 6.99
C ASN A 131 -31.86 -16.68 7.93
N LEU A 132 -31.85 -15.41 7.47
CA LEU A 132 -31.36 -14.29 8.28
C LEU A 132 -32.43 -13.77 9.23
N THR A 133 -32.12 -13.73 10.52
CA THR A 133 -32.94 -13.07 11.53
C THR A 133 -32.59 -11.58 11.52
N ALA A 134 -33.58 -10.75 11.21
CA ALA A 134 -33.34 -9.31 11.14
C ALA A 134 -32.91 -8.76 12.50
N PRO A 135 -32.06 -7.71 12.50
CA PRO A 135 -31.67 -7.24 13.82
C PRO A 135 -32.79 -6.50 14.54
N THR A 136 -32.75 -6.58 15.88
CA THR A 136 -33.68 -5.84 16.74
C THR A 136 -33.17 -4.42 16.88
N SER A 137 -33.97 -3.55 17.47
CA SER A 137 -33.56 -2.16 17.57
C SER A 137 -32.25 -1.97 18.38
N SER A 138 -32.02 -2.80 19.40
CA SER A 138 -30.77 -2.73 20.18
CA SER A 138 -30.78 -2.70 20.17
C SER A 138 -29.56 -3.16 19.35
N GLN A 139 -29.75 -4.17 18.50
CA GLN A 139 -28.69 -4.62 17.61
C GLN A 139 -28.38 -3.60 16.50
N VAL A 140 -29.43 -2.96 15.99
CA VAL A 140 -29.28 -1.86 15.03
C VAL A 140 -28.47 -0.72 15.65
N ALA A 141 -28.83 -0.33 16.87
CA ALA A 141 -28.10 0.73 17.58
C ALA A 141 -26.59 0.40 17.68
N ALA A 142 -26.27 -0.89 17.77
CA ALA A 142 -24.88 -1.38 17.87
C ALA A 142 -24.15 -1.38 16.51
N GLY A 143 -24.91 -1.18 15.43
CA GLY A 143 -24.33 -1.13 14.10
C GLY A 143 -24.76 -2.27 13.18
N ALA A 144 -25.56 -3.21 13.66
CA ALA A 144 -25.99 -4.33 12.78
C ALA A 144 -26.89 -3.87 11.63
N ALA A 145 -26.65 -4.42 10.43
CA ALA A 145 -27.35 -4.01 9.22
C ALA A 145 -27.30 -5.12 8.18
N TYR A 146 -28.23 -5.06 7.23
CA TYR A 146 -28.23 -5.99 6.11
C TYR A 146 -28.98 -5.38 4.95
N ASN A 147 -28.69 -5.91 3.76
CA ASN A 147 -29.44 -5.59 2.56
C ASN A 147 -30.42 -6.75 2.32
N PRO A 148 -31.74 -6.47 2.44
CA PRO A 148 -32.75 -7.51 2.26
C PRO A 148 -32.66 -8.21 0.92
N ALA A 149 -32.23 -7.50 -0.12
CA ALA A 149 -32.19 -8.08 -1.48
C ALA A 149 -31.19 -9.25 -1.61
N VAL A 150 -30.24 -9.34 -0.70
CA VAL A 150 -29.18 -10.37 -0.79
C VAL A 150 -29.13 -11.32 0.38
N ASN A 151 -30.21 -11.34 1.17
CA ASN A 151 -30.32 -12.29 2.27
C ASN A 151 -31.60 -13.11 2.21
N GLY A 152 -31.43 -14.43 2.32
CA GLY A 152 -32.55 -15.35 2.29
C GLY A 152 -33.26 -15.34 3.61
N LYS A 153 -34.53 -15.71 3.59
CA LYS A 153 -35.35 -15.74 4.81
C LYS A 153 -35.80 -17.14 5.17
N GLU A 154 -35.59 -18.10 4.26
CA GLU A 154 -36.24 -19.40 4.38
C GLU A 154 -35.30 -20.58 4.34
N GLY A 155 -34.01 -20.32 4.15
CA GLY A 155 -33.04 -21.40 4.04
C GLY A 155 -32.76 -22.11 5.37
N PRO A 156 -32.18 -23.31 5.29
CA PRO A 156 -31.90 -24.10 6.50
C PRO A 156 -30.87 -23.45 7.45
N LEU A 157 -29.95 -22.66 6.90
CA LEU A 157 -28.90 -22.02 7.74
C LEU A 157 -29.34 -20.72 8.41
N LYS A 158 -29.54 -20.77 9.71
CA LYS A 158 -29.87 -19.57 10.47
C LYS A 158 -28.65 -18.68 10.62
N VAL A 159 -28.85 -17.40 10.34
CA VAL A 159 -27.79 -16.38 10.41
C VAL A 159 -28.34 -15.20 11.19
N GLY A 160 -27.48 -14.55 11.96
CA GLY A 160 -27.92 -13.37 12.72
C GLY A 160 -26.84 -12.83 13.62
N TRP A 161 -27.27 -12.00 14.58
CA TRP A 161 -26.36 -11.36 15.54
C TRP A 161 -26.74 -11.81 16.93
N SER A 162 -25.72 -11.94 17.78
CA SER A 162 -25.90 -12.23 19.22
C SER A 162 -26.97 -11.33 19.84
N GLY A 163 -27.94 -11.94 20.52
CA GLY A 163 -29.00 -11.20 21.20
C GLY A 163 -28.47 -10.10 22.10
N SER A 164 -27.27 -10.30 22.65
CA SER A 164 -26.63 -9.33 23.56
C SER A 164 -25.65 -8.36 22.89
N LEU A 165 -25.68 -8.26 21.56
CA LEU A 165 -24.92 -7.23 20.85
C LEU A 165 -25.33 -5.86 21.39
N ALA A 166 -24.36 -5.07 21.81
CA ALA A 166 -24.65 -3.71 22.30
C ALA A 166 -23.67 -2.68 21.76
N SER A 167 -24.15 -1.45 21.64
CA SER A 167 -23.33 -0.32 21.28
C SER A 167 -22.21 -0.18 22.30
N GLY A 168 -21.04 0.22 21.84
CA GLY A 168 -19.92 0.43 22.76
C GLY A 168 -18.92 1.37 22.14
N ASN A 169 -18.09 1.98 22.98
CA ASN A 169 -17.13 2.97 22.50
C ASN A 169 -16.17 2.47 21.40
N LEU A 170 -15.78 1.19 21.48
CA LEU A 170 -14.77 0.68 20.55
C LEU A 170 -15.27 0.58 19.11
N SER A 171 -16.45 0.00 18.92
CA SER A 171 -16.98 -0.18 17.56
C SER A 171 -17.30 1.17 16.91
N VAL A 172 -17.80 2.12 17.69
CA VAL A 172 -18.07 3.49 17.18
C VAL A 172 -16.77 4.13 16.71
N ALA A 173 -15.74 4.07 17.55
CA ALA A 173 -14.44 4.65 17.26
C ALA A 173 -13.81 3.98 16.06
N LEU A 174 -13.95 2.67 15.95
CA LEU A 174 -13.40 1.95 14.79
C LEU A 174 -14.04 2.41 13.48
N ASN A 175 -15.36 2.56 13.49
CA ASN A 175 -16.09 3.05 12.32
C ASN A 175 -15.53 4.43 11.89
N ARG A 176 -15.50 5.35 12.84
CA ARG A 176 -14.95 6.68 12.58
C ARG A 176 -13.51 6.63 12.06
N THR A 177 -12.68 5.80 12.68
CA THR A 177 -11.24 5.79 12.38
C THR A 177 -11.00 5.20 10.98
N PHE A 178 -11.70 4.13 10.66
CA PHE A 178 -11.59 3.59 9.31
C PHE A 178 -12.12 4.52 8.24
N GLN A 179 -13.26 5.18 8.50
CA GLN A 179 -13.77 6.16 7.54
C GLN A 179 -12.72 7.24 7.24
N ALA A 180 -12.04 7.70 8.29
CA ALA A 180 -11.02 8.74 8.18
C ALA A 180 -9.80 8.26 7.37
N ALA A 181 -9.58 6.94 7.39
CA ALA A 181 -8.54 6.30 6.60
C ALA A 181 -9.02 6.03 5.17
N GLY A 182 -10.29 6.33 4.90
CA GLY A 182 -10.85 6.23 3.55
C GLY A 182 -11.65 4.97 3.29
N VAL A 183 -11.91 4.19 4.34
CA VAL A 183 -12.68 2.92 4.23
C VAL A 183 -14.06 3.07 4.91
N PRO A 184 -15.13 3.18 4.11
CA PRO A 184 -16.42 3.51 4.73
C PRO A 184 -17.16 2.30 5.30
N TRP A 185 -18.14 2.57 6.15
CA TRP A 185 -19.06 1.56 6.62
C TRP A 185 -19.92 1.14 5.44
N VAL A 186 -20.17 -0.16 5.34
CA VAL A 186 -21.09 -0.69 4.34
C VAL A 186 -22.13 -1.49 5.09
N GLU A 187 -23.38 -1.44 4.62
CA GLU A 187 -24.46 -2.10 5.36
C GLU A 187 -24.37 -3.62 5.33
N ASP A 188 -23.74 -4.16 4.30
CA ASP A 188 -23.78 -5.60 4.06
C ASP A 188 -22.58 -5.98 3.20
N VAL A 189 -21.72 -6.85 3.72
CA VAL A 189 -20.56 -7.31 2.94
C VAL A 189 -20.92 -8.50 2.03
N ASN A 190 -22.17 -8.96 2.11
CA ASN A 190 -22.61 -10.19 1.43
C ASN A 190 -23.39 -10.01 0.11
N GLY A 191 -23.38 -8.79 -0.43
CA GLY A 191 -24.01 -8.53 -1.72
C GLY A 191 -23.04 -8.47 -2.89
N GLY A 192 -21.84 -9.03 -2.71
CA GLY A 192 -20.83 -9.09 -3.78
C GLY A 192 -19.81 -7.97 -3.80
N LYS A 193 -20.03 -6.93 -2.98
CA LYS A 193 -19.07 -5.85 -2.85
C LYS A 193 -18.63 -5.80 -1.39
N MET A 194 -17.45 -6.34 -1.11
CA MET A 194 -17.06 -6.57 0.29
C MET A 194 -16.28 -5.43 0.91
N ARG A 195 -15.73 -4.53 0.11
CA ARG A 195 -14.91 -3.45 0.66
C ARG A 195 -15.67 -2.59 1.66
N GLY A 196 -15.07 -2.41 2.83
CA GLY A 196 -15.69 -1.59 3.85
C GLY A 196 -15.50 -2.10 5.26
N PHE A 197 -16.09 -1.36 6.21
CA PHE A 197 -16.18 -1.70 7.63
C PHE A 197 -17.60 -2.20 7.89
N ASN A 198 -17.74 -3.26 8.70
CA ASN A 198 -19.05 -3.86 8.92
C ASN A 198 -19.18 -4.61 10.25
N ILE A 199 -20.36 -4.57 10.83
CA ILE A 199 -20.67 -5.37 12.04
C ILE A 199 -21.26 -6.68 11.52
N TYR A 200 -20.39 -7.66 11.30
CA TYR A 200 -20.77 -8.83 10.49
C TYR A 200 -21.71 -9.80 11.23
N PRO A 201 -22.60 -10.50 10.51
CA PRO A 201 -23.49 -11.51 11.07
C PRO A 201 -22.76 -12.86 11.23
N SER A 202 -23.39 -13.80 11.91
CA SER A 202 -22.78 -15.05 12.28
C SER A 202 -23.74 -16.19 12.02
N THR A 203 -23.20 -17.42 11.89
CA THR A 203 -24.02 -18.62 11.81
C THR A 203 -24.45 -18.98 13.22
N LEU A 204 -25.60 -18.43 13.60
CA LEU A 204 -26.07 -18.41 14.97
C LEU A 204 -27.58 -18.55 14.92
N ASP A 205 -28.13 -19.43 15.76
CA ASP A 205 -29.57 -19.48 15.96
C ASP A 205 -29.83 -18.48 17.10
N VAL A 206 -30.39 -17.33 16.76
CA VAL A 206 -30.46 -16.19 17.70
C VAL A 206 -31.46 -16.48 18.82
N ASP A 207 -32.58 -17.12 18.47
CA ASP A 207 -33.60 -17.54 19.44
C ASP A 207 -33.04 -18.51 20.49
N LEU A 208 -32.46 -19.63 20.03
CA LEU A 208 -31.84 -20.60 20.94
C LEU A 208 -30.55 -20.10 21.58
N ASN A 209 -29.93 -19.09 20.98
CA ASN A 209 -28.59 -18.64 21.37
C ASN A 209 -27.53 -19.77 21.33
N VAL A 210 -27.56 -20.53 20.24
CA VAL A 210 -26.53 -21.57 20.01
C VAL A 210 -25.92 -21.41 18.61
N ARG A 211 -24.70 -21.89 18.48
CA ARG A 211 -24.05 -22.00 17.17
C ARG A 211 -24.96 -22.71 16.18
N GLU A 212 -25.06 -22.16 14.97
CA GLU A 212 -25.80 -22.81 13.91
C GLU A 212 -24.84 -23.54 12.99
N ASP A 213 -24.53 -24.79 13.32
CA ASP A 213 -23.63 -25.62 12.49
C ASP A 213 -24.43 -26.30 11.38
N ALA A 214 -23.71 -26.92 10.44
CA ALA A 214 -24.35 -27.56 9.27
C ALA A 214 -25.34 -28.66 9.62
N ALA A 215 -25.09 -29.38 10.72
CA ALA A 215 -25.99 -30.50 11.11
C ALA A 215 -27.28 -29.95 11.72
N ARG A 216 -27.17 -28.95 12.59
CA ARG A 216 -28.37 -28.26 13.07
C ARG A 216 -29.19 -27.60 11.97
N ALA A 217 -28.50 -27.13 10.93
CA ALA A 217 -29.18 -26.54 9.77
C ALA A 217 -29.79 -27.59 8.82
N TYR A 218 -28.96 -28.51 8.35
CA TYR A 218 -29.32 -29.37 7.21
C TYR A 218 -29.67 -30.81 7.57
N TYR A 219 -29.34 -31.24 8.78
CA TYR A 219 -29.55 -32.63 9.13
C TYR A 219 -30.68 -32.88 10.14
N PHE A 220 -30.49 -32.42 11.37
CA PHE A 220 -31.41 -32.78 12.45
C PHE A 220 -32.90 -32.46 12.19
N PRO A 221 -33.20 -31.29 11.56
CA PRO A 221 -34.63 -31.05 11.27
C PRO A 221 -35.25 -32.04 10.25
N TYR A 222 -34.41 -32.84 9.60
CA TYR A 222 -34.86 -33.74 8.53
C TYR A 222 -34.54 -35.20 8.80
N ASP A 223 -34.18 -35.52 10.04
CA ASP A 223 -33.67 -36.86 10.38
C ASP A 223 -34.79 -37.91 10.48
N ASP A 224 -36.04 -37.49 10.24
CA ASP A 224 -37.18 -38.42 10.17
C ASP A 224 -37.34 -39.05 8.77
N ARG A 225 -36.58 -38.55 7.79
CA ARG A 225 -36.62 -39.07 6.42
C ARG A 225 -36.14 -40.53 6.35
N LYS A 226 -37.00 -41.44 5.90
CA LYS A 226 -36.66 -42.87 5.89
C LYS A 226 -35.65 -43.24 4.79
N ASN A 227 -35.53 -42.36 3.80
CA ASN A 227 -34.63 -42.58 2.67
C ASN A 227 -33.25 -41.93 2.88
N LEU A 228 -33.09 -41.24 4.01
CA LEU A 228 -31.79 -40.70 4.40
C LEU A 228 -31.18 -41.54 5.51
N HIS A 229 -30.02 -42.13 5.20
CA HIS A 229 -29.34 -43.01 6.13
C HIS A 229 -27.99 -42.43 6.53
N LEU A 230 -27.71 -42.45 7.83
CA LEU A 230 -26.45 -41.93 8.36
C LEU A 230 -25.64 -43.02 9.07
N LEU A 231 -24.38 -43.15 8.70
CA LEU A 231 -23.45 -44.00 9.44
C LEU A 231 -22.40 -43.11 10.09
N GLU A 232 -22.50 -42.94 11.41
CA GLU A 232 -21.50 -42.16 12.16
C GLU A 232 -20.34 -43.08 12.55
N ASN A 233 -19.25 -42.47 12.98
CA ASN A 233 -18.06 -43.23 13.39
C ASN A 233 -17.66 -44.22 12.30
N THR A 234 -17.77 -43.77 11.05
CA THR A 234 -17.54 -44.61 9.89
C THR A 234 -16.66 -43.86 8.91
N THR A 235 -15.51 -44.45 8.60
CA THR A 235 -14.51 -43.81 7.77
C THR A 235 -14.52 -44.43 6.37
N ALA A 236 -14.57 -43.58 5.36
CA ALA A 236 -14.49 -44.04 3.98
C ALA A 236 -13.01 -44.12 3.64
N ASN A 237 -12.58 -45.26 3.10
CA ASN A 237 -11.16 -45.48 2.82
C ASN A 237 -10.81 -45.12 1.40
N ARG A 238 -11.68 -45.55 0.48
CA ARG A 238 -11.44 -45.42 -0.95
C ARG A 238 -12.69 -45.83 -1.69
N LEU A 239 -12.78 -45.43 -2.94
CA LEU A 239 -13.84 -45.93 -3.80
C LEU A 239 -13.37 -47.20 -4.48
N PHE A 240 -14.32 -48.02 -4.92
CA PHE A 240 -13.97 -49.13 -5.79
C PHE A 240 -14.86 -49.04 -7.01
N TRP A 241 -14.40 -49.67 -8.11
CA TRP A 241 -14.91 -49.38 -9.43
C TRP A 241 -15.57 -50.60 -10.04
N LYS A 242 -16.51 -50.34 -10.96
CA LYS A 242 -17.09 -51.41 -11.76
C LYS A 242 -16.04 -51.94 -12.71
N ASN A 243 -16.08 -53.25 -12.92
CA ASN A 243 -15.17 -53.88 -13.84
C ASN A 243 -15.89 -54.17 -15.14
N GLY A 244 -15.87 -53.18 -16.03
CA GLY A 244 -16.50 -53.27 -17.35
C GLY A 244 -15.49 -52.97 -18.44
N SER A 245 -15.96 -52.51 -19.60
CA SER A 245 -15.10 -52.30 -20.76
C SER A 245 -14.68 -50.84 -20.97
N ALA A 246 -15.57 -49.90 -20.66
CA ALA A 246 -15.32 -48.48 -20.87
C ALA A 246 -14.03 -47.98 -20.19
N GLU A 247 -13.29 -47.13 -20.90
CA GLU A 247 -12.11 -46.46 -20.31
C GLU A 247 -12.56 -45.56 -19.15
N GLU A 248 -13.65 -44.80 -19.35
CA GLU A 248 -14.24 -43.97 -18.29
C GLU A 248 -14.60 -44.79 -17.05
N ALA A 249 -14.07 -44.36 -15.90
CA ALA A 249 -14.24 -45.10 -14.64
C ALA A 249 -15.63 -44.90 -14.01
N ILE A 250 -16.29 -46.01 -13.64
CA ILE A 250 -17.61 -45.96 -13.03
C ILE A 250 -17.47 -46.47 -11.61
N ALA A 251 -17.68 -45.58 -10.64
CA ALA A 251 -17.63 -45.95 -9.23
C ALA A 251 -18.77 -46.91 -8.90
N ASP A 252 -18.42 -47.99 -8.24
CA ASP A 252 -19.38 -48.99 -7.82
C ASP A 252 -19.77 -48.71 -6.38
N GLY A 253 -18.81 -48.24 -5.59
CA GLY A 253 -19.09 -47.99 -4.20
C GLY A 253 -17.94 -47.44 -3.40
N VAL A 254 -18.09 -47.54 -2.08
CA VAL A 254 -17.09 -47.04 -1.15
C VAL A 254 -16.69 -48.11 -0.15
N GLU A 255 -15.39 -48.27 0.06
CA GLU A 255 -14.92 -49.13 1.13
C GLU A 255 -14.90 -48.35 2.44
N ILE A 256 -15.50 -48.93 3.48
CA ILE A 256 -15.59 -48.26 4.79
C ILE A 256 -15.04 -49.08 5.96
N THR A 257 -14.60 -48.37 7.01
CA THR A 257 -14.23 -48.97 8.27
C THR A 257 -15.20 -48.49 9.34
N SER A 258 -15.82 -49.44 10.05
CA SER A 258 -16.76 -49.11 11.12
CA SER A 258 -16.76 -49.12 11.13
C SER A 258 -16.06 -48.95 12.48
N ALA A 259 -16.83 -48.58 13.52
CA ALA A 259 -16.30 -48.36 14.87
C ALA A 259 -15.65 -49.62 15.45
N ASP A 260 -16.23 -50.78 15.15
CA ASP A 260 -15.68 -52.06 15.60
C ASP A 260 -14.40 -52.45 14.83
N GLY A 261 -13.96 -51.57 13.93
CA GLY A 261 -12.75 -51.81 13.13
C GLY A 261 -12.96 -52.73 11.93
N LYS A 262 -14.20 -53.14 11.67
CA LYS A 262 -14.49 -54.03 10.54
C LYS A 262 -14.52 -53.22 9.24
N VAL A 263 -13.98 -53.81 8.17
CA VAL A 263 -13.90 -53.15 6.87
C VAL A 263 -14.87 -53.83 5.92
N THR A 264 -15.81 -53.06 5.38
CA THR A 264 -16.83 -53.57 4.47
C THR A 264 -17.02 -52.61 3.28
N ARG A 265 -18.06 -52.88 2.51
CA ARG A 265 -18.37 -52.14 1.28
C ARG A 265 -19.84 -51.73 1.27
N VAL A 266 -20.07 -50.48 0.85
CA VAL A 266 -21.42 -50.02 0.52
C VAL A 266 -21.39 -49.63 -0.96
N HIS A 267 -22.53 -49.71 -1.63
CA HIS A 267 -22.61 -49.52 -3.09
C HIS A 267 -23.55 -48.40 -3.47
N ALA A 268 -23.20 -47.66 -4.53
CA ALA A 268 -24.05 -46.60 -5.05
C ALA A 268 -24.56 -46.98 -6.43
N LYS A 269 -25.87 -46.89 -6.62
CA LYS A 269 -26.48 -47.16 -7.93
C LYS A 269 -26.23 -46.01 -8.87
N LYS A 270 -26.24 -44.78 -8.36
CA LYS A 270 -26.06 -43.60 -9.21
C LYS A 270 -24.69 -42.94 -9.13
N GLU A 271 -24.42 -42.23 -8.03
CA GLU A 271 -23.17 -41.47 -7.89
C GLU A 271 -22.61 -41.53 -6.45
N VAL A 272 -21.28 -41.36 -6.36
CA VAL A 272 -20.61 -41.12 -5.10
C VAL A 272 -20.17 -39.66 -5.07
N ILE A 273 -20.59 -38.96 -4.03
CA ILE A 273 -20.20 -37.55 -3.83
C ILE A 273 -19.20 -37.51 -2.68
N ILE A 274 -18.01 -36.96 -2.94
CA ILE A 274 -16.96 -36.92 -1.92
C ILE A 274 -16.96 -35.52 -1.36
N SER A 275 -17.14 -35.41 -0.05
CA SER A 275 -17.32 -34.14 0.65
C SER A 275 -16.55 -34.19 1.96
N ALA A 276 -15.35 -34.76 1.91
CA ALA A 276 -14.56 -35.02 3.14
C ALA A 276 -13.64 -33.88 3.56
N GLY A 277 -13.72 -32.76 2.83
CA GLY A 277 -12.89 -31.59 3.11
C GLY A 277 -11.68 -31.50 2.20
N ALA A 278 -11.13 -30.29 2.07
CA ALA A 278 -10.01 -30.05 1.16
C ALA A 278 -8.75 -30.87 1.52
N LEU A 279 -8.66 -31.30 2.78
CA LEU A 279 -7.49 -32.07 3.21
C LEU A 279 -7.74 -33.57 3.30
N ARG A 280 -8.91 -34.02 2.83
CA ARG A 280 -9.20 -35.45 2.80
C ARG A 280 -9.73 -35.93 1.46
N SER A 281 -10.55 -35.12 0.81
CA SER A 281 -11.16 -35.56 -0.45
C SER A 281 -10.13 -35.98 -1.52
N PRO A 282 -9.05 -35.18 -1.75
CA PRO A 282 -8.01 -35.60 -2.71
C PRO A 282 -7.29 -36.90 -2.30
N LEU A 283 -7.20 -37.16 -0.99
CA LEU A 283 -6.56 -38.40 -0.50
C LEU A 283 -7.42 -39.61 -0.82
N ILE A 284 -8.73 -39.45 -0.64
CA ILE A 284 -9.70 -40.49 -1.01
C ILE A 284 -9.60 -40.80 -2.50
N LEU A 285 -9.51 -39.77 -3.33
CA LEU A 285 -9.23 -40.00 -4.75
C LEU A 285 -7.92 -40.78 -4.97
N GLU A 286 -6.83 -40.35 -4.35
CA GLU A 286 -5.53 -41.03 -4.57
C GLU A 286 -5.63 -42.51 -4.19
N LEU A 287 -6.25 -42.80 -3.04
CA LEU A 287 -6.37 -44.19 -2.58
C LEU A 287 -7.28 -45.03 -3.50
N SER A 288 -8.13 -44.34 -4.26
CA SER A 288 -9.01 -44.98 -5.26
C SER A 288 -8.36 -45.14 -6.64
N GLY A 289 -7.08 -44.79 -6.75
CA GLY A 289 -6.41 -44.86 -8.03
C GLY A 289 -6.62 -43.67 -8.97
N VAL A 290 -7.07 -42.54 -8.41
CA VAL A 290 -7.27 -41.33 -9.22
C VAL A 290 -6.30 -40.27 -8.75
N GLY A 291 -5.33 -39.95 -9.59
CA GLY A 291 -4.23 -39.09 -9.15
C GLY A 291 -3.02 -39.19 -10.04
N ASN A 292 -1.91 -38.70 -9.50
CA ASN A 292 -0.61 -38.70 -10.19
C ASN A 292 -0.03 -40.11 -10.19
N PRO A 293 0.10 -40.75 -11.39
CA PRO A 293 0.58 -42.13 -11.40
C PRO A 293 1.91 -42.37 -10.67
N THR A 294 2.83 -41.40 -10.67
CA THR A 294 4.11 -41.62 -9.99
C THR A 294 3.90 -41.80 -8.48
N ILE A 295 2.94 -41.05 -7.94
CA ILE A 295 2.62 -41.12 -6.51
C ILE A 295 1.84 -42.40 -6.19
N LEU A 296 0.91 -42.74 -7.09
CA LEU A 296 0.12 -43.93 -6.92
C LEU A 296 1.03 -45.15 -7.00
N LYS A 297 1.92 -45.18 -7.99
CA LYS A 297 2.80 -46.34 -8.19
C LYS A 297 3.80 -46.51 -7.05
N LYS A 298 4.33 -45.40 -6.54
CA LYS A 298 5.24 -45.42 -5.38
C LYS A 298 4.58 -46.05 -4.15
N ASN A 299 3.25 -46.01 -4.11
CA ASN A 299 2.50 -46.57 -3.01
C ASN A 299 1.76 -47.86 -3.38
N ASN A 300 2.20 -48.48 -4.49
CA ASN A 300 1.60 -49.71 -5.01
C ASN A 300 0.09 -49.63 -5.25
N ILE A 301 -0.38 -48.51 -5.79
CA ILE A 301 -1.79 -48.37 -6.17
C ILE A 301 -1.79 -48.35 -7.68
N THR A 302 -2.62 -49.17 -8.33
CA THR A 302 -2.71 -49.06 -9.78
C THR A 302 -3.55 -47.86 -10.12
N PRO A 303 -3.03 -46.97 -10.98
CA PRO A 303 -3.88 -45.89 -11.47
C PRO A 303 -5.12 -46.41 -12.21
N ARG A 304 -6.28 -45.88 -11.82
CA ARG A 304 -7.52 -46.09 -12.55
C ARG A 304 -7.75 -44.86 -13.45
N VAL A 305 -7.36 -43.67 -12.97
CA VAL A 305 -7.40 -42.45 -13.77
C VAL A 305 -6.10 -41.65 -13.60
N ASP A 306 -5.46 -41.31 -14.71
CA ASP A 306 -4.29 -40.46 -14.73
C ASP A 306 -4.73 -38.98 -14.63
N LEU A 307 -4.68 -38.43 -13.42
CA LEU A 307 -5.12 -37.07 -13.16
C LEU A 307 -4.14 -36.46 -12.13
N PRO A 308 -2.96 -36.02 -12.60
CA PRO A 308 -1.85 -35.77 -11.69
C PRO A 308 -1.91 -34.50 -10.85
N THR A 309 -2.97 -33.70 -11.01
CA THR A 309 -3.16 -32.50 -10.18
C THR A 309 -4.13 -32.76 -9.02
N VAL A 310 -4.53 -34.02 -8.82
CA VAL A 310 -5.23 -34.36 -7.55
C VAL A 310 -4.26 -34.06 -6.40
N GLY A 311 -4.71 -33.23 -5.45
CA GLY A 311 -3.88 -32.83 -4.31
C GLY A 311 -2.98 -31.63 -4.60
N GLU A 312 -2.87 -31.23 -5.86
CA GLU A 312 -2.10 -30.02 -6.20
C GLU A 312 -2.97 -28.76 -6.08
N ASN A 313 -2.34 -27.60 -6.27
CA ASN A 313 -3.01 -26.31 -6.22
C ASN A 313 -3.64 -26.01 -4.86
N LEU A 314 -3.04 -26.54 -3.81
CA LEU A 314 -3.48 -26.24 -2.45
C LEU A 314 -3.17 -24.77 -2.18
N GLN A 315 -4.19 -24.01 -1.77
CA GLN A 315 -4.02 -22.60 -1.44
C GLN A 315 -4.63 -22.35 -0.06
N ASP A 316 -3.88 -21.72 0.84
CA ASP A 316 -4.38 -21.42 2.20
C ASP A 316 -3.93 -20.00 2.56
N GLN A 317 -4.55 -19.43 3.57
CA GLN A 317 -4.15 -18.10 4.05
C GLN A 317 -3.51 -18.33 5.40
N PHE A 318 -2.77 -17.34 5.89
CA PHE A 318 -2.21 -17.42 7.25
C PHE A 318 -2.60 -16.19 8.07
N ASN A 319 -2.77 -16.42 9.36
CA ASN A 319 -3.45 -15.51 10.29
C ASN A 319 -2.43 -15.01 11.32
N ASN A 320 -2.42 -13.71 11.56
CA ASN A 320 -1.61 -13.09 12.61
C ASN A 320 -2.51 -12.25 13.53
N GLY A 321 -1.96 -11.77 14.64
CA GLY A 321 -2.78 -11.07 15.61
C GLY A 321 -2.03 -9.92 16.23
N MET A 322 -2.77 -8.87 16.56
CA MET A 322 -2.20 -7.70 17.23
C MET A 322 -3.10 -7.34 18.41
N ALA A 323 -2.64 -6.47 19.31
CA ALA A 323 -3.49 -6.14 20.46
C ALA A 323 -3.13 -4.76 20.96
N GLY A 324 -4.10 -4.15 21.63
CA GLY A 324 -3.87 -2.89 22.31
C GLY A 324 -4.51 -2.87 23.69
N GLU A 325 -4.23 -1.79 24.41
CA GLU A 325 -4.76 -1.62 25.75
C GLU A 325 -5.39 -0.25 25.84
N GLY A 326 -6.61 -0.18 26.39
CA GLY A 326 -7.29 1.10 26.48
C GLY A 326 -6.92 1.85 27.75
N TYR A 327 -7.16 3.16 27.74
CA TYR A 327 -7.11 3.97 28.98
C TYR A 327 -8.13 3.46 29.99
N GLY A 328 -9.32 3.08 29.49
CA GLY A 328 -10.36 2.45 30.31
C GLY A 328 -10.99 1.26 29.61
N VAL A 329 -12.18 0.87 30.07
CA VAL A 329 -12.91 -0.28 29.51
C VAL A 329 -13.31 -0.03 28.05
N LEU A 330 -13.07 -1.04 27.22
CA LEU A 330 -13.42 -0.97 25.80
C LEU A 330 -14.56 -1.95 25.55
N ALA A 331 -15.57 -1.53 24.78
CA ALA A 331 -16.77 -2.35 24.62
C ALA A 331 -17.40 -2.17 23.24
N GLY A 332 -18.27 -3.11 22.86
CA GLY A 332 -19.00 -2.96 21.61
C GLY A 332 -19.06 -4.24 20.81
N ALA A 333 -19.39 -4.11 19.53
CA ALA A 333 -19.51 -5.27 18.63
C ALA A 333 -18.13 -5.67 18.11
N SER A 334 -17.97 -6.92 17.69
CA SER A 334 -16.81 -7.30 16.84
C SER A 334 -17.02 -6.72 15.46
N THR A 335 -15.94 -6.34 14.79
CA THR A 335 -16.05 -5.61 13.53
C THR A 335 -15.14 -6.28 12.52
N VAL A 336 -15.52 -6.21 11.24
CA VAL A 336 -14.63 -6.65 10.16
C VAL A 336 -14.33 -5.46 9.25
N THR A 337 -13.11 -5.38 8.75
CA THR A 337 -12.77 -4.41 7.72
C THR A 337 -12.13 -5.16 6.57
N TYR A 338 -12.60 -4.89 5.36
CA TYR A 338 -12.06 -5.46 4.13
C TYR A 338 -11.45 -4.35 3.26
N PRO A 339 -10.16 -4.03 3.49
CA PRO A 339 -9.51 -2.97 2.72
C PRO A 339 -8.95 -3.48 1.40
N SER A 340 -9.00 -2.64 0.38
CA SER A 340 -8.40 -2.92 -0.90
C SER A 340 -6.90 -2.67 -0.82
N ILE A 341 -6.18 -2.96 -1.89
CA ILE A 341 -4.73 -2.72 -1.91
C ILE A 341 -4.39 -1.24 -1.66
N SER A 342 -5.16 -0.34 -2.26
CA SER A 342 -4.90 1.10 -2.10
C SER A 342 -5.29 1.61 -0.72
N ASP A 343 -6.22 0.94 -0.05
CA ASP A 343 -6.56 1.28 1.31
C ASP A 343 -5.39 0.98 2.24
N VAL A 344 -4.77 -0.19 2.04
CA VAL A 344 -3.65 -0.62 2.86
C VAL A 344 -2.39 0.20 2.59
N PHE A 345 -2.08 0.44 1.32
CA PHE A 345 -0.77 0.98 0.95
C PHE A 345 -0.79 2.44 0.53
N GLY A 346 -1.99 2.99 0.32
CA GLY A 346 -2.18 4.39 0.02
C GLY A 346 -1.39 4.88 -1.18
N ASN A 347 -0.90 6.11 -1.06
CA ASN A 347 -0.11 6.74 -2.14
C ASN A 347 1.24 6.00 -2.46
N GLU A 348 1.41 4.79 -1.91
CA GLU A 348 2.56 3.91 -2.17
C GLU A 348 2.16 2.65 -3.01
N THR A 349 0.90 2.59 -3.41
CA THR A 349 0.33 1.42 -4.07
C THR A 349 0.96 1.14 -5.44
N ASP A 350 1.18 2.20 -6.22
CA ASP A 350 1.77 2.05 -7.56
C ASP A 350 3.12 1.30 -7.58
N SER A 351 4.00 1.60 -6.62
CA SER A 351 5.27 0.86 -6.51
C SER A 351 5.07 -0.62 -6.17
N ILE A 352 4.16 -0.91 -5.25
CA ILE A 352 3.79 -2.29 -4.90
C ILE A 352 3.27 -3.04 -6.13
N VAL A 353 2.31 -2.43 -6.83
CA VAL A 353 1.71 -3.03 -8.04
C VAL A 353 2.80 -3.34 -9.07
N ALA A 354 3.66 -2.36 -9.34
CA ALA A 354 4.79 -2.58 -10.25
C ALA A 354 5.68 -3.75 -9.82
N SER A 355 6.05 -3.80 -8.55
CA SER A 355 6.89 -4.91 -8.06
C SER A 355 6.16 -6.22 -8.20
N LEU A 356 4.90 -6.25 -7.78
CA LEU A 356 4.10 -7.49 -7.91
C LEU A 356 4.00 -7.92 -9.38
N ARG A 357 3.63 -7.00 -10.27
CA ARG A 357 3.53 -7.28 -11.72
C ARG A 357 4.80 -7.92 -12.24
N SER A 358 5.96 -7.42 -11.78
CA SER A 358 7.27 -7.92 -12.22
C SER A 358 7.63 -9.29 -11.68
N GLN A 359 6.91 -9.75 -10.67
CA GLN A 359 7.23 -11.01 -10.00
C GLN A 359 6.36 -12.21 -10.43
N LEU A 360 5.23 -11.94 -11.10
CA LEU A 360 4.27 -12.99 -11.42
C LEU A 360 4.86 -14.16 -12.19
N SER A 361 5.70 -13.89 -13.20
CA SER A 361 6.25 -14.99 -14.02
C SER A 361 7.14 -15.88 -13.21
N ASP A 362 7.91 -15.24 -12.32
CA ASP A 362 8.79 -15.94 -11.41
C ASP A 362 8.00 -16.76 -10.38
N TYR A 363 6.88 -16.23 -9.88
CA TYR A 363 5.99 -17.02 -9.01
C TYR A 363 5.50 -18.28 -9.74
N ALA A 364 4.99 -18.10 -10.95
CA ALA A 364 4.55 -19.25 -11.74
C ALA A 364 5.65 -20.31 -11.90
N ALA A 365 6.87 -19.88 -12.22
CA ALA A 365 7.99 -20.82 -12.45
C ALA A 365 8.34 -21.62 -11.21
N ALA A 366 8.34 -20.96 -10.05
CA ALA A 366 8.46 -21.66 -8.77
C ALA A 366 7.34 -22.68 -8.55
N THR A 367 6.11 -22.27 -8.80
CA THR A 367 4.96 -23.14 -8.59
C THR A 367 4.96 -24.38 -9.53
N VAL A 368 5.42 -24.20 -10.77
CA VAL A 368 5.60 -25.34 -11.68
C VAL A 368 6.28 -26.52 -10.98
N LYS A 369 7.36 -26.23 -10.26
CA LYS A 369 8.15 -27.28 -9.63
C LYS A 369 7.46 -27.90 -8.43
N VAL A 370 6.59 -27.15 -7.75
CA VAL A 370 5.83 -27.69 -6.63
C VAL A 370 5.04 -28.93 -7.05
N SER A 371 4.44 -28.92 -8.25
CA SER A 371 3.72 -30.09 -8.77
C SER A 371 4.59 -30.97 -9.66
N ASN A 372 5.89 -30.72 -9.65
CA ASN A 372 6.84 -31.48 -10.48
C ASN A 372 6.52 -31.40 -11.97
N GLY A 373 6.01 -30.25 -12.39
CA GLY A 373 5.73 -30.00 -13.81
C GLY A 373 4.32 -30.31 -14.27
N HIS A 374 3.45 -30.73 -13.36
CA HIS A 374 2.06 -31.07 -13.71
C HIS A 374 1.13 -29.87 -13.85
N MET A 375 1.56 -28.71 -13.37
CA MET A 375 0.95 -27.46 -13.82
C MET A 375 1.96 -26.77 -14.71
N LYS A 376 1.52 -26.19 -15.83
CA LYS A 376 2.46 -25.60 -16.79
C LYS A 376 2.73 -24.11 -16.52
N GLN A 377 3.93 -23.67 -16.90
CA GLN A 377 4.33 -22.26 -16.78
C GLN A 377 3.27 -21.32 -17.34
N GLU A 378 2.84 -21.60 -18.57
CA GLU A 378 1.90 -20.73 -19.25
C GLU A 378 0.60 -20.66 -18.49
N ASP A 379 0.17 -21.80 -17.98
CA ASP A 379 -1.13 -21.89 -17.33
C ASP A 379 -1.10 -21.14 -16.01
N LEU A 380 -0.02 -21.33 -15.25
CA LEU A 380 0.14 -20.64 -13.96
C LEU A 380 0.29 -19.15 -14.14
N GLU A 381 0.98 -18.72 -15.20
CA GLU A 381 1.06 -17.29 -15.47
C GLU A 381 -0.33 -16.70 -15.68
N ARG A 382 -1.18 -17.39 -16.43
CA ARG A 382 -2.55 -16.90 -16.65
C ARG A 382 -3.42 -16.91 -15.40
N LEU A 383 -3.28 -17.95 -14.60
CA LEU A 383 -4.02 -18.01 -13.33
C LEU A 383 -3.56 -16.91 -12.40
N TYR A 384 -2.24 -16.69 -12.30
CA TYR A 384 -1.73 -15.62 -11.43
C TYR A 384 -2.08 -14.24 -11.94
N GLN A 385 -2.20 -14.11 -13.26
CA GLN A 385 -2.62 -12.84 -13.86
C GLN A 385 -4.08 -12.52 -13.50
N LEU A 386 -4.92 -13.56 -13.44
CA LEU A 386 -6.34 -13.36 -13.04
C LEU A 386 -6.40 -12.83 -11.62
N GLN A 387 -5.56 -13.40 -10.74
CA GLN A 387 -5.51 -12.99 -9.32
C GLN A 387 -4.97 -11.57 -9.20
N PHE A 388 -3.90 -11.29 -9.95
CA PHE A 388 -3.34 -9.93 -10.00
C PHE A 388 -4.41 -8.92 -10.43
N ASP A 389 -5.16 -9.24 -11.49
CA ASP A 389 -6.19 -8.33 -12.02
C ASP A 389 -7.31 -8.07 -11.01
N LEU A 390 -7.73 -9.12 -10.28
CA LEU A 390 -8.72 -8.94 -9.19
C LEU A 390 -8.17 -7.95 -8.15
N ILE A 391 -6.92 -8.14 -7.74
CA ILE A 391 -6.31 -7.24 -6.76
C ILE A 391 -6.16 -5.82 -7.31
N VAL A 392 -5.63 -5.71 -8.52
CA VAL A 392 -5.15 -4.42 -9.03
C VAL A 392 -6.22 -3.62 -9.82
N LYS A 393 -6.97 -4.32 -10.68
CA LYS A 393 -7.98 -3.68 -11.53
C LYS A 393 -9.36 -3.64 -10.90
N ASP A 394 -9.79 -4.76 -10.31
CA ASP A 394 -11.11 -4.83 -9.68
C ASP A 394 -11.09 -4.32 -8.24
N LYS A 395 -9.89 -4.17 -7.69
CA LYS A 395 -9.66 -3.70 -6.31
C LYS A 395 -10.42 -4.51 -5.28
N VAL A 396 -10.37 -5.83 -5.41
CA VAL A 396 -10.99 -6.69 -4.39
C VAL A 396 -10.21 -6.55 -3.08
N PRO A 397 -10.88 -6.76 -1.95
CA PRO A 397 -10.12 -6.63 -0.70
C PRO A 397 -8.89 -7.55 -0.65
N ILE A 398 -7.80 -7.06 -0.05
CA ILE A 398 -6.57 -7.84 0.08
C ILE A 398 -6.36 -8.35 1.50
N ALA A 399 -7.23 -7.95 2.41
CA ALA A 399 -7.12 -8.34 3.83
C ALA A 399 -8.47 -8.47 4.46
N GLU A 400 -8.54 -9.33 5.47
CA GLU A 400 -9.61 -9.25 6.45
C GLU A 400 -8.98 -8.83 7.75
N ILE A 401 -9.56 -7.83 8.40
CA ILE A 401 -9.08 -7.32 9.67
C ILE A 401 -10.26 -7.40 10.63
N LEU A 402 -10.15 -8.27 11.63
CA LEU A 402 -11.15 -8.33 12.68
C LEU A 402 -10.65 -7.56 13.92
N PHE A 403 -11.57 -6.81 14.53
CA PHE A 403 -11.35 -6.29 15.89
C PHE A 403 -12.38 -6.88 16.85
N HIS A 404 -11.88 -7.30 18.01
CA HIS A 404 -12.69 -7.91 19.04
C HIS A 404 -12.42 -7.19 20.36
N PRO A 405 -13.48 -6.77 21.08
CA PRO A 405 -13.23 -6.40 22.47
C PRO A 405 -12.72 -7.61 23.25
N GLY A 406 -11.70 -7.41 24.07
CA GLY A 406 -11.12 -8.52 24.83
C GLY A 406 -11.58 -8.59 26.28
N GLY A 407 -12.59 -7.80 26.62
CA GLY A 407 -13.01 -7.64 28.02
C GLY A 407 -12.10 -6.65 28.70
N GLY A 408 -12.65 -5.88 29.63
CA GLY A 408 -11.86 -4.85 30.32
C GLY A 408 -11.27 -3.84 29.35
N ASN A 409 -9.99 -3.54 29.51
CA ASN A 409 -9.32 -2.59 28.63
C ASN A 409 -8.61 -3.20 27.42
N ALA A 410 -8.76 -4.50 27.20
CA ALA A 410 -8.08 -5.19 26.08
C ALA A 410 -8.86 -5.06 24.78
N VAL A 411 -8.13 -4.87 23.67
CA VAL A 411 -8.69 -5.03 22.33
C VAL A 411 -7.72 -5.95 21.55
N SER A 412 -8.27 -6.88 20.77
CA SER A 412 -7.42 -7.69 19.93
C SER A 412 -7.84 -7.54 18.48
N SER A 413 -6.88 -7.72 17.57
CA SER A 413 -7.16 -7.79 16.15
C SER A 413 -6.60 -9.10 15.62
N GLU A 414 -7.35 -9.75 14.74
CA GLU A 414 -6.78 -10.84 13.96
C GLU A 414 -6.96 -10.50 12.50
N PHE A 415 -6.00 -10.89 11.68
CA PHE A 415 -5.97 -10.42 10.31
C PHE A 415 -5.22 -11.39 9.43
N TRP A 416 -5.54 -11.33 8.15
CA TRP A 416 -4.85 -12.17 7.18
C TRP A 416 -4.95 -11.58 5.79
N GLY A 417 -3.87 -11.75 5.04
CA GLY A 417 -3.88 -11.44 3.62
C GLY A 417 -4.82 -12.44 2.98
N LEU A 418 -5.70 -11.95 2.12
CA LEU A 418 -6.70 -12.80 1.50
C LEU A 418 -6.22 -13.56 0.29
N LEU A 419 -5.34 -12.94 -0.48
CA LEU A 419 -4.92 -13.53 -1.75
C LEU A 419 -3.40 -13.69 -1.87
N PRO A 420 -2.82 -14.54 -1.02
CA PRO A 420 -1.43 -14.85 -1.26
C PRO A 420 -1.30 -15.68 -2.54
N PHE A 421 -0.11 -15.69 -3.13
CA PHE A 421 0.10 -16.49 -4.35
C PHE A 421 0.62 -17.89 -4.11
N ALA A 422 1.16 -18.15 -2.92
CA ALA A 422 1.75 -19.49 -2.63
C ALA A 422 0.78 -20.62 -2.91
N ARG A 423 1.25 -21.61 -3.66
CA ARG A 423 0.52 -22.85 -3.85
C ARG A 423 1.37 -24.01 -3.36
N GLY A 424 0.71 -24.98 -2.76
CA GLY A 424 1.41 -26.15 -2.24
C GLY A 424 0.62 -27.35 -2.65
N ASN A 425 0.68 -28.40 -1.84
CA ASN A 425 -0.02 -29.64 -2.19
C ASN A 425 -0.24 -30.52 -0.99
N ILE A 426 -1.05 -31.56 -1.19
CA ILE A 426 -1.31 -32.58 -0.20
C ILE A 426 -1.30 -33.92 -0.91
N HIS A 427 -0.59 -34.89 -0.35
CA HIS A 427 -0.56 -36.23 -0.95
C HIS A 427 -0.53 -37.32 0.10
N ILE A 428 -1.03 -38.50 -0.26
CA ILE A 428 -0.92 -39.63 0.64
C ILE A 428 0.56 -39.93 0.97
N SER A 429 0.82 -40.44 2.16
CA SER A 429 2.19 -40.81 2.54
C SER A 429 2.38 -42.33 2.46
N SER A 430 1.28 -43.04 2.31
CA SER A 430 1.31 -44.47 2.07
C SER A 430 -0.05 -44.94 1.56
N ASN A 431 -0.14 -46.23 1.22
CA ASN A 431 -1.38 -46.85 0.81
C ASN A 431 -2.31 -47.22 1.98
N ASP A 432 -1.83 -46.99 3.20
CA ASP A 432 -2.61 -47.22 4.41
C ASP A 432 -3.51 -46.01 4.66
N PRO A 433 -4.85 -46.22 4.64
CA PRO A 433 -5.85 -45.15 4.79
C PRO A 433 -5.79 -44.40 6.11
N THR A 434 -5.13 -44.99 7.10
CA THR A 434 -5.00 -44.33 8.43
C THR A 434 -3.74 -43.48 8.56
N ALA A 435 -2.86 -43.52 7.57
CA ALA A 435 -1.58 -42.81 7.65
C ALA A 435 -1.76 -41.31 7.40
N PRO A 436 -1.25 -40.45 8.31
CA PRO A 436 -1.31 -39.02 8.06
C PRO A 436 -0.70 -38.64 6.72
N ALA A 437 -1.35 -37.70 6.03
CA ALA A 437 -0.88 -37.25 4.74
C ALA A 437 0.29 -36.27 4.87
N ALA A 438 1.06 -36.09 3.78
CA ALA A 438 2.00 -34.99 3.66
C ALA A 438 1.24 -33.76 3.14
N ILE A 439 1.10 -32.76 4.01
CA ILE A 439 0.35 -31.53 3.70
C ILE A 439 1.32 -30.36 3.66
N ASN A 440 1.46 -29.72 2.51
CA ASN A 440 2.38 -28.60 2.41
C ASN A 440 1.76 -27.34 1.81
N PRO A 441 1.25 -26.41 2.65
CA PRO A 441 0.63 -25.23 2.02
C PRO A 441 1.62 -24.21 1.44
N ASN A 442 2.90 -24.34 1.76
CA ASN A 442 3.94 -23.38 1.33
C ASN A 442 3.74 -21.95 1.81
N TYR A 443 3.36 -21.80 3.07
CA TYR A 443 3.16 -20.45 3.65
C TYR A 443 4.40 -19.59 3.47
N PHE A 444 4.18 -18.33 3.10
CA PHE A 444 5.22 -17.32 2.94
C PHE A 444 6.16 -17.61 1.76
N MET A 445 5.73 -18.45 0.80
CA MET A 445 6.63 -18.83 -0.28
C MET A 445 7.06 -17.61 -1.13
N PHE A 446 6.13 -16.70 -1.36
CA PHE A 446 6.35 -15.55 -2.24
C PHE A 446 6.47 -14.24 -1.48
N GLU A 447 7.21 -13.31 -2.06
CA GLU A 447 7.42 -12.00 -1.43
C GLU A 447 6.11 -11.28 -1.12
N TRP A 448 5.21 -11.18 -2.11
CA TRP A 448 3.91 -10.54 -1.90
C TRP A 448 3.21 -11.10 -0.66
N ASP A 449 3.26 -12.43 -0.51
CA ASP A 449 2.51 -13.08 0.56
C ASP A 449 2.93 -12.51 1.92
N GLY A 450 4.24 -12.42 2.15
CA GLY A 450 4.75 -11.91 3.44
C GLY A 450 4.73 -10.39 3.55
N LYS A 451 4.99 -9.71 2.44
CA LYS A 451 5.13 -8.26 2.52
C LYS A 451 3.74 -7.61 2.57
N SER A 452 2.73 -8.25 1.95
CA SER A 452 1.37 -7.73 2.07
C SER A 452 0.89 -7.94 3.51
N GLN A 453 1.21 -9.10 4.10
CA GLN A 453 0.87 -9.33 5.52
C GLN A 453 1.54 -8.27 6.42
N ALA A 454 2.82 -7.97 6.16
CA ALA A 454 3.51 -6.89 6.90
C ALA A 454 2.80 -5.55 6.68
N GLY A 455 2.35 -5.28 5.45
CA GLY A 455 1.65 -4.01 5.17
C GLY A 455 0.34 -3.94 5.95
N ILE A 456 -0.34 -5.07 6.08
CA ILE A 456 -1.59 -5.10 6.86
C ILE A 456 -1.29 -4.87 8.36
N ALA A 457 -0.25 -5.51 8.88
CA ALA A 457 0.12 -5.31 10.29
C ALA A 457 0.45 -3.83 10.55
N LYS A 458 1.26 -3.24 9.65
CA LYS A 458 1.61 -1.81 9.77
C LYS A 458 0.38 -0.92 9.69
N TYR A 459 -0.56 -1.28 8.82
CA TYR A 459 -1.80 -0.54 8.71
C TYR A 459 -2.58 -0.58 10.03
N ILE A 460 -2.64 -1.75 10.67
CA ILE A 460 -3.33 -1.89 11.96
C ILE A 460 -2.60 -1.06 13.04
N ARG A 461 -1.26 -1.08 13.03
CA ARG A 461 -0.52 -0.23 13.97
C ARG A 461 -0.90 1.24 13.77
N LYS A 462 -0.99 1.66 12.51
CA LYS A 462 -1.36 3.03 12.18
C LYS A 462 -2.79 3.33 12.63
N ILE A 463 -3.72 2.40 12.40
CA ILE A 463 -5.13 2.58 12.83
C ILE A 463 -5.27 2.77 14.35
N LEU A 464 -4.54 1.98 15.13
CA LEU A 464 -4.55 2.06 16.59
C LEU A 464 -4.12 3.42 17.13
N ARG A 465 -3.27 4.10 16.36
CA ARG A 465 -2.68 5.40 16.71
C ARG A 465 -3.38 6.58 16.05
N SER A 466 -4.46 6.31 15.33
CA SER A 466 -5.15 7.34 14.56
C SER A 466 -6.43 7.80 15.26
N ALA A 467 -6.82 9.04 14.98
CA ALA A 467 -7.99 9.63 15.60
C ALA A 467 -9.28 9.17 14.92
N PRO A 468 -10.37 8.99 15.69
CA PRO A 468 -10.54 9.15 17.15
C PRO A 468 -10.16 7.92 18.00
N LEU A 469 -9.81 6.80 17.38
CA LEU A 469 -9.47 5.60 18.13
C LEU A 469 -8.38 5.82 19.17
N ASN A 470 -7.37 6.61 18.81
CA ASN A 470 -6.23 6.89 19.68
C ASN A 470 -6.62 7.62 20.98
N LYS A 471 -7.85 8.14 21.03
CA LYS A 471 -8.40 8.71 22.25
C LYS A 471 -8.77 7.62 23.25
N LEU A 472 -8.94 6.39 22.76
CA LEU A 472 -9.34 5.25 23.59
C LEU A 472 -8.18 4.28 23.89
N ILE A 473 -7.19 4.25 23.00
CA ILE A 473 -6.10 3.28 23.09
C ILE A 473 -4.83 3.89 23.70
N ALA A 474 -4.43 3.37 24.85
CA ALA A 474 -3.25 3.84 25.58
C ALA A 474 -1.96 3.40 24.92
N LYS A 475 -1.90 2.13 24.50
CA LYS A 475 -0.72 1.61 23.82
C LYS A 475 -1.04 0.35 23.02
N GLU A 476 -0.18 0.09 22.04
CA GLU A 476 -0.14 -1.19 21.35
C GLU A 476 0.66 -2.18 22.22
N THR A 477 0.08 -3.34 22.50
CA THR A 477 0.70 -4.35 23.35
C THR A 477 1.29 -5.52 22.57
N LYS A 478 0.76 -5.76 21.37
CA LYS A 478 1.25 -6.84 20.52
C LYS A 478 1.30 -6.38 19.04
N PRO A 479 2.50 -6.38 18.41
CA PRO A 479 3.79 -6.76 18.99
C PRO A 479 4.28 -5.74 20.02
N GLY A 480 3.82 -4.50 19.92
CA GLY A 480 4.28 -3.43 20.80
C GLY A 480 5.55 -2.78 20.28
N LEU A 481 5.86 -1.59 20.76
CA LEU A 481 7.01 -0.83 20.26
C LEU A 481 8.39 -1.33 20.73
N SER A 482 8.45 -2.14 21.78
CA SER A 482 9.73 -2.74 22.21
C SER A 482 10.18 -3.85 21.27
N GLU A 483 9.25 -4.77 20.98
CA GLU A 483 9.50 -5.87 20.06
C GLU A 483 9.72 -5.40 18.61
N ILE A 484 8.89 -4.47 18.15
CA ILE A 484 8.99 -3.91 16.81
C ILE A 484 8.96 -2.38 16.89
N PRO A 485 10.14 -1.76 17.04
CA PRO A 485 10.31 -0.30 17.07
C PRO A 485 9.62 0.41 15.90
N ALA A 486 9.19 1.64 16.13
CA ALA A 486 8.55 2.44 15.11
C ALA A 486 9.39 2.48 13.82
N THR A 487 10.72 2.34 13.98
CA THR A 487 11.65 2.45 12.85
C THR A 487 12.01 1.11 12.20
N ALA A 488 11.39 0.03 12.66
CA ALA A 488 11.66 -1.32 12.14
C ALA A 488 11.51 -1.47 10.63
N ALA A 489 12.52 -2.06 10.01
CA ALA A 489 12.49 -2.42 8.60
C ALA A 489 11.40 -3.47 8.34
N ASP A 490 11.01 -3.60 7.07
CA ASP A 490 10.02 -4.60 6.66
C ASP A 490 10.41 -6.02 7.11
N GLU A 491 11.70 -6.37 7.06
CA GLU A 491 12.15 -7.71 7.46
C GLU A 491 11.79 -8.03 8.90
N LYS A 492 11.85 -7.02 9.77
CA LYS A 492 11.55 -7.21 11.18
C LYS A 492 10.11 -7.60 11.37
N TRP A 493 9.23 -6.92 10.64
CA TRP A 493 7.83 -7.27 10.59
C TRP A 493 7.65 -8.68 10.02
N VAL A 494 8.24 -8.96 8.86
CA VAL A 494 8.08 -10.31 8.27
C VAL A 494 8.56 -11.41 9.23
N GLU A 495 9.71 -11.20 9.89
CA GLU A 495 10.25 -12.18 10.84
C GLU A 495 9.32 -12.42 12.01
N TRP A 496 8.74 -11.33 12.52
CA TRP A 496 7.79 -11.42 13.62
C TRP A 496 6.54 -12.19 13.18
N LEU A 497 6.04 -11.85 11.99
CA LEU A 497 4.89 -12.55 11.44
C LEU A 497 5.15 -14.06 11.28
N LYS A 498 6.33 -14.43 10.78
CA LYS A 498 6.65 -15.86 10.61
C LYS A 498 6.74 -16.57 11.95
N ALA A 499 7.19 -15.85 12.98
CA ALA A 499 7.36 -16.43 14.32
C ALA A 499 6.03 -16.65 15.04
N ASN A 500 5.00 -15.93 14.60
CA ASN A 500 3.72 -15.86 15.33
C ASN A 500 2.48 -16.28 14.57
N TYR A 501 2.65 -16.63 13.28
CA TYR A 501 1.48 -16.94 12.46
C TYR A 501 0.87 -18.30 12.75
N ARG A 502 -0.36 -18.48 12.32
CA ARG A 502 -0.87 -19.84 12.24
C ARG A 502 -1.59 -19.96 10.92
N SER A 503 -1.96 -21.18 10.54
CA SER A 503 -2.86 -21.36 9.42
C SER A 503 -4.18 -20.59 9.67
N ASN A 504 -4.73 -19.99 8.62
CA ASN A 504 -6.08 -19.43 8.72
C ASN A 504 -7.21 -20.48 8.51
N PHE A 505 -6.81 -21.74 8.29
CA PHE A 505 -7.74 -22.86 8.16
C PHE A 505 -8.74 -22.62 7.02
N HIS A 506 -8.21 -22.11 5.90
CA HIS A 506 -8.97 -21.71 4.72
CA HIS A 506 -9.07 -21.85 4.74
C HIS A 506 -8.50 -22.51 3.47
N PRO A 507 -8.11 -23.79 3.60
CA PRO A 507 -7.56 -24.46 2.40
C PRO A 507 -8.57 -24.72 1.28
N VAL A 508 -8.15 -24.44 0.04
CA VAL A 508 -8.98 -24.68 -1.14
C VAL A 508 -8.10 -25.29 -2.24
N GLY A 509 -8.73 -25.86 -3.28
CA GLY A 509 -8.04 -26.04 -4.56
C GLY A 509 -7.46 -27.40 -4.85
N THR A 510 -7.60 -28.33 -3.90
CA THR A 510 -6.96 -29.66 -4.00
C THR A 510 -7.70 -30.63 -4.91
N ALA A 511 -8.90 -30.22 -5.35
CA ALA A 511 -9.56 -30.93 -6.46
C ALA A 511 -10.23 -29.86 -7.32
N ALA A 512 -9.41 -28.96 -7.83
CA ALA A 512 -9.90 -27.69 -8.33
C ALA A 512 -10.84 -27.82 -9.52
N MET A 513 -11.93 -27.07 -9.46
CA MET A 513 -12.79 -26.91 -10.62
C MET A 513 -12.13 -26.00 -11.65
N MET A 514 -11.54 -26.61 -12.68
CA MET A 514 -10.99 -25.88 -13.83
C MET A 514 -11.08 -26.85 -15.01
N PRO A 515 -11.00 -26.34 -16.25
CA PRO A 515 -10.93 -27.27 -17.40
C PRO A 515 -9.77 -28.26 -17.21
N ARG A 516 -9.93 -29.49 -17.68
CA ARG A 516 -8.89 -30.50 -17.51
C ARG A 516 -7.55 -30.04 -18.13
N SER A 517 -7.64 -29.31 -19.23
CA SER A 517 -6.48 -28.93 -20.01
C SER A 517 -5.61 -27.91 -19.31
N ILE A 518 -6.12 -27.27 -18.25
CA ILE A 518 -5.33 -26.31 -17.48
C ILE A 518 -4.93 -26.88 -16.10
N GLY A 519 -5.28 -28.15 -15.86
CA GLY A 519 -4.91 -28.82 -14.62
C GLY A 519 -6.06 -29.05 -13.66
N GLY A 520 -7.28 -28.75 -14.09
CA GLY A 520 -8.47 -29.04 -13.28
C GLY A 520 -8.63 -30.50 -12.88
N VAL A 521 -9.27 -30.71 -11.73
CA VAL A 521 -9.64 -32.06 -11.27
C VAL A 521 -11.12 -32.37 -11.49
N VAL A 522 -11.97 -31.36 -11.32
CA VAL A 522 -13.41 -31.53 -11.57
C VAL A 522 -13.93 -30.61 -12.66
N ASP A 523 -14.96 -31.06 -13.36
CA ASP A 523 -15.59 -30.20 -14.37
C ASP A 523 -16.58 -29.22 -13.75
N ASN A 524 -17.32 -28.49 -14.60
CA ASN A 524 -18.25 -27.48 -14.11
C ASN A 524 -19.50 -28.03 -13.46
N ARG A 525 -19.64 -29.37 -13.43
CA ARG A 525 -20.74 -30.01 -12.70
C ARG A 525 -20.17 -30.76 -11.49
N LEU A 526 -18.90 -30.48 -11.20
CA LEU A 526 -18.16 -31.04 -10.06
CA LEU A 526 -18.14 -31.03 -10.08
C LEU A 526 -17.84 -32.53 -10.23
N ARG A 527 -17.97 -33.05 -11.44
CA ARG A 527 -17.60 -34.41 -11.74
C ARG A 527 -16.08 -34.54 -11.88
N VAL A 528 -15.49 -35.54 -11.23
CA VAL A 528 -14.07 -35.80 -11.34
C VAL A 528 -13.73 -36.26 -12.77
N TYR A 529 -12.75 -35.62 -13.43
CA TYR A 529 -12.39 -36.01 -14.79
C TYR A 529 -12.02 -37.49 -14.86
N GLY A 530 -12.44 -38.16 -15.95
CA GLY A 530 -12.14 -39.57 -16.16
C GLY A 530 -13.10 -40.55 -15.50
N THR A 531 -14.09 -40.00 -14.79
CA THR A 531 -15.10 -40.82 -14.12
C THR A 531 -16.45 -40.43 -14.67
N SER A 532 -17.41 -41.33 -14.58
CA SER A 532 -18.75 -40.99 -15.03
C SER A 532 -19.59 -40.41 -13.90
N ASN A 533 -19.30 -40.79 -12.66
CA ASN A 533 -20.28 -40.68 -11.57
C ASN A 533 -19.68 -40.41 -10.20
N VAL A 534 -18.51 -39.77 -10.19
CA VAL A 534 -17.90 -39.37 -8.93
C VAL A 534 -17.84 -37.85 -8.96
N ARG A 535 -18.26 -37.22 -7.85
CA ARG A 535 -18.15 -35.75 -7.74
C ARG A 535 -17.42 -35.41 -6.47
N VAL A 536 -16.79 -34.24 -6.45
CA VAL A 536 -16.24 -33.68 -5.21
C VAL A 536 -17.04 -32.39 -4.94
N VAL A 537 -17.64 -32.30 -3.75
CA VAL A 537 -18.41 -31.12 -3.38
C VAL A 537 -17.97 -30.70 -1.97
N ASP A 538 -17.02 -29.78 -1.94
CA ASP A 538 -16.45 -29.21 -0.69
C ASP A 538 -15.39 -28.19 -1.08
N ALA A 539 -14.65 -27.66 -0.11
CA ALA A 539 -13.67 -26.63 -0.41
C ALA A 539 -12.58 -27.05 -1.42
N SER A 540 -12.38 -28.36 -1.62
CA SER A 540 -11.36 -28.81 -2.59
C SER A 540 -11.60 -28.20 -3.98
N VAL A 541 -12.85 -27.94 -4.32
CA VAL A 541 -13.15 -27.56 -5.73
C VAL A 541 -12.95 -26.07 -6.04
N LEU A 542 -12.88 -25.22 -5.03
CA LEU A 542 -12.68 -23.80 -5.31
C LEU A 542 -11.33 -23.59 -5.98
N PRO A 543 -11.30 -22.95 -7.16
CA PRO A 543 -10.00 -22.87 -7.87
C PRO A 543 -9.08 -21.76 -7.37
N PHE A 544 -9.67 -20.81 -6.69
CA PHE A 544 -8.93 -19.71 -6.07
C PHE A 544 -9.51 -19.49 -4.68
N GLN A 545 -8.76 -18.80 -3.84
CA GLN A 545 -9.28 -18.33 -2.57
C GLN A 545 -10.44 -17.36 -2.78
N VAL A 546 -11.34 -17.25 -1.81
CA VAL A 546 -12.33 -16.17 -1.83
C VAL A 546 -11.98 -15.17 -0.70
N CYS A 547 -12.54 -13.98 -0.79
CA CYS A 547 -12.26 -12.92 0.19
C CYS A 547 -12.89 -13.18 1.55
N GLY A 548 -14.05 -13.84 1.57
CA GLY A 548 -14.77 -13.99 2.84
C GLY A 548 -14.53 -15.31 3.53
N HIS A 549 -15.37 -15.59 4.51
CA HIS A 549 -15.29 -16.79 5.33
C HIS A 549 -15.95 -17.93 4.57
N LEU A 550 -15.32 -19.09 4.61
CA LEU A 550 -15.71 -20.15 3.66
C LEU A 550 -17.12 -20.74 3.71
N VAL A 551 -17.73 -20.89 4.89
CA VAL A 551 -18.99 -21.69 4.89
C VAL A 551 -20.07 -21.12 3.98
N SER A 552 -20.24 -19.80 3.96
CA SER A 552 -21.33 -19.21 3.17
C SER A 552 -21.27 -19.68 1.70
N THR A 553 -20.06 -19.63 1.15
CA THR A 553 -19.81 -20.03 -0.23
C THR A 553 -19.89 -21.54 -0.43
N LEU A 554 -19.37 -22.31 0.51
CA LEU A 554 -19.50 -23.78 0.40
C LEU A 554 -20.96 -24.24 0.48
N TYR A 555 -21.77 -23.60 1.32
CA TYR A 555 -23.20 -23.92 1.35
C TYR A 555 -23.83 -23.61 -0.01
N ALA A 556 -23.52 -22.45 -0.56
CA ALA A 556 -24.05 -22.06 -1.88
C ALA A 556 -23.59 -23.02 -2.99
N VAL A 557 -22.31 -23.36 -2.98
CA VAL A 557 -21.74 -24.26 -3.99
C VAL A 557 -22.41 -25.63 -3.90
N ALA A 558 -22.58 -26.13 -2.68
CA ALA A 558 -23.26 -27.41 -2.46
C ALA A 558 -24.74 -27.35 -2.84
N GLU A 559 -25.38 -26.21 -2.57
CA GLU A 559 -26.78 -26.01 -3.00
C GLU A 559 -26.91 -26.09 -4.52
N ARG A 560 -26.04 -25.38 -5.24
CA ARG A 560 -26.04 -25.45 -6.69
C ARG A 560 -25.67 -26.83 -7.21
N ALA A 561 -24.63 -27.43 -6.64
CA ALA A 561 -24.21 -28.78 -7.04
C ALA A 561 -25.36 -29.78 -6.93
N SER A 562 -26.17 -29.66 -5.87
CA SER A 562 -27.30 -30.54 -5.66
C SER A 562 -28.27 -30.47 -6.85
N ASP A 563 -28.54 -29.26 -7.33
CA ASP A 563 -29.41 -29.09 -8.51
C ASP A 563 -28.80 -29.72 -9.76
N LEU A 564 -27.47 -29.59 -9.93
CA LEU A 564 -26.79 -30.17 -11.09
C LEU A 564 -26.84 -31.73 -11.04
N ILE A 565 -26.70 -32.30 -9.85
CA ILE A 565 -26.81 -33.75 -9.68
C ILE A 565 -28.22 -34.21 -10.05
N LYS A 566 -29.22 -33.51 -9.51
CA LYS A 566 -30.63 -33.81 -9.80
C LYS A 566 -30.93 -33.75 -11.29
N GLU A 567 -30.39 -32.71 -11.94
CA GLU A 567 -30.60 -32.54 -13.39
C GLU A 567 -30.04 -33.75 -14.15
N ASP A 568 -28.85 -34.19 -13.75
CA ASP A 568 -28.16 -35.30 -14.41
C ASP A 568 -28.84 -36.65 -14.21
N ALA A 569 -29.57 -36.79 -13.11
CA ALA A 569 -30.34 -37.98 -12.82
C ALA A 569 -31.54 -38.06 -13.75
N LYS B 2 44.36 23.66 22.35
CA LYS B 2 43.68 24.37 23.49
C LYS B 2 42.16 24.40 23.32
N ASN B 3 41.69 25.16 22.33
CA ASN B 3 40.27 25.21 21.96
C ASN B 3 39.86 24.09 20.97
N THR B 4 39.62 22.90 21.52
CA THR B 4 39.44 21.69 20.73
C THR B 4 38.07 21.58 20.04
N THR B 5 37.11 22.44 20.42
CA THR B 5 35.77 22.36 19.83
C THR B 5 35.41 23.65 19.10
N THR B 6 36.43 24.41 18.72
CA THR B 6 36.21 25.69 18.06
C THR B 6 36.62 25.64 16.59
N TYR B 7 35.74 26.13 15.73
CA TYR B 7 35.93 26.16 14.27
C TYR B 7 35.59 27.56 13.79
N ASP B 8 36.10 27.95 12.63
CA ASP B 8 35.64 29.23 12.04
C ASP B 8 34.15 29.22 11.69
N TYR B 9 33.72 28.18 10.98
CA TYR B 9 32.33 28.04 10.57
C TYR B 9 31.76 26.68 10.99
N ILE B 10 30.50 26.67 11.37
CA ILE B 10 29.79 25.41 11.57
C ILE B 10 28.63 25.37 10.57
N VAL B 11 28.55 24.31 9.77
CA VAL B 11 27.44 24.08 8.84
C VAL B 11 26.57 22.94 9.41
N VAL B 12 25.33 23.26 9.74
CA VAL B 12 24.40 22.29 10.34
C VAL B 12 23.60 21.64 9.22
N GLY B 13 23.86 20.35 8.97
CA GLY B 13 23.18 19.63 7.91
C GLY B 13 24.11 19.42 6.73
N GLY B 14 24.61 18.18 6.58
CA GLY B 14 25.46 17.83 5.45
C GLY B 14 24.63 17.35 4.27
N GLY B 15 23.71 18.20 3.84
CA GLY B 15 22.79 17.87 2.77
C GLY B 15 23.09 18.62 1.49
N THR B 16 22.06 18.78 0.67
CA THR B 16 22.16 19.31 -0.70
C THR B 16 22.85 20.67 -0.68
N SER B 17 22.33 21.53 0.19
CA SER B 17 22.80 22.92 0.31
C SER B 17 24.07 23.04 1.19
N GLY B 18 24.04 22.39 2.36
CA GLY B 18 25.11 22.55 3.34
C GLY B 18 26.47 22.10 2.80
N LEU B 19 26.49 21.05 1.98
CA LEU B 19 27.74 20.51 1.48
C LEU B 19 28.37 21.49 0.50
N VAL B 20 27.53 22.25 -0.21
CA VAL B 20 28.05 23.32 -1.09
C VAL B 20 28.77 24.35 -0.23
N VAL B 21 28.09 24.82 0.80
CA VAL B 21 28.68 25.88 1.64
C VAL B 21 29.98 25.39 2.29
N ALA B 22 29.96 24.20 2.88
CA ALA B 22 31.18 23.67 3.52
C ALA B 22 32.33 23.54 2.51
N ASN B 23 32.01 23.06 1.32
CA ASN B 23 33.00 22.97 0.25
C ASN B 23 33.65 24.32 -0.09
N ARG B 24 32.85 25.34 -0.30
CA ARG B 24 33.33 26.61 -0.79
C ARG B 24 34.08 27.35 0.30
N LEU B 25 33.54 27.37 1.51
CA LEU B 25 34.22 28.03 2.62
C LEU B 25 35.61 27.42 2.94
N SER B 26 35.72 26.09 2.79
CA SER B 26 36.96 25.38 3.13
C SER B 26 37.99 25.47 1.99
N GLU B 27 37.65 26.16 0.91
CA GLU B 27 38.62 26.45 -0.17
C GLU B 27 39.81 27.25 0.33
N ASN B 28 39.57 28.07 1.36
CA ASN B 28 40.64 28.79 2.06
C ASN B 28 41.22 27.88 3.14
N PRO B 29 42.49 27.46 2.96
CA PRO B 29 43.10 26.51 3.90
C PRO B 29 43.27 27.06 5.33
N ASP B 30 43.15 28.37 5.51
CA ASP B 30 43.28 29.02 6.82
C ASP B 30 41.96 29.10 7.60
N VAL B 31 40.90 28.57 7.00
CA VAL B 31 39.57 28.64 7.57
C VAL B 31 39.11 27.21 7.92
N SER B 32 38.75 26.98 9.19
CA SER B 32 38.25 25.66 9.58
C SER B 32 36.73 25.61 9.45
N VAL B 33 36.23 24.51 8.91
CA VAL B 33 34.79 24.30 8.71
C VAL B 33 34.35 22.96 9.31
N LEU B 34 33.29 22.98 10.14
CA LEU B 34 32.71 21.77 10.70
C LEU B 34 31.33 21.52 10.13
N LEU B 35 31.17 20.34 9.54
CA LEU B 35 29.87 19.85 9.10
C LEU B 35 29.26 18.96 10.17
N LEU B 36 27.99 19.22 10.52
CA LEU B 36 27.23 18.34 11.41
C LEU B 36 26.16 17.63 10.59
N GLU B 37 26.21 16.31 10.55
CA GLU B 37 25.19 15.55 9.85
C GLU B 37 24.56 14.47 10.74
N ALA B 38 23.24 14.48 10.81
CA ALA B 38 22.50 13.53 11.66
C ALA B 38 22.54 12.09 11.12
N GLY B 39 22.60 11.95 9.79
CA GLY B 39 22.72 10.64 9.12
C GLY B 39 24.20 10.29 8.92
N ALA B 40 24.44 9.34 8.02
CA ALA B 40 25.81 8.88 7.73
C ALA B 40 26.05 8.78 6.24
N SER B 41 27.32 8.54 5.87
CA SER B 41 27.70 8.23 4.50
C SER B 41 26.81 7.15 3.91
N VAL B 42 26.44 7.34 2.65
CA VAL B 42 25.73 6.32 1.90
C VAL B 42 26.50 5.96 0.63
N PHE B 43 27.82 6.19 0.69
CA PHE B 43 28.69 5.94 -0.47
C PHE B 43 28.57 4.47 -0.92
N ASN B 44 28.39 3.59 0.07
CA ASN B 44 28.36 2.13 -0.15
C ASN B 44 26.95 1.56 -0.06
N ASN B 45 25.93 2.39 -0.32
CA ASN B 45 24.53 1.98 -0.25
C ASN B 45 23.94 1.83 -1.66
N PRO B 46 23.68 0.59 -2.11
CA PRO B 46 23.20 0.44 -3.48
C PRO B 46 21.86 1.11 -3.76
N ASP B 47 21.01 1.26 -2.76
CA ASP B 47 19.73 1.97 -2.95
C ASP B 47 19.93 3.44 -3.35
N VAL B 48 21.08 3.99 -2.99
CA VAL B 48 21.42 5.38 -3.30
C VAL B 48 22.21 5.41 -4.61
N THR B 49 23.22 4.56 -4.71
CA THR B 49 24.18 4.64 -5.82
C THR B 49 23.51 4.35 -7.16
N ASN B 50 22.56 3.42 -7.14
CA ASN B 50 21.88 2.95 -8.35
C ASN B 50 21.16 4.09 -9.08
N ALA B 51 21.63 4.41 -10.29
CA ALA B 51 21.01 5.46 -11.13
C ALA B 51 19.54 5.16 -11.45
N ASN B 52 19.17 3.89 -11.37
CA ASN B 52 17.83 3.40 -11.63
C ASN B 52 17.09 3.08 -10.34
N GLY B 53 17.60 3.57 -9.21
CA GLY B 53 17.07 3.16 -7.92
C GLY B 53 16.08 4.09 -7.24
N TYR B 54 15.58 5.11 -7.95
CA TYR B 54 14.62 6.06 -7.31
C TYR B 54 13.43 5.29 -6.77
N GLY B 55 13.13 5.51 -5.49
CA GLY B 55 12.00 4.85 -4.83
C GLY B 55 12.41 3.78 -3.85
N LEU B 56 13.56 3.16 -4.11
CA LEU B 56 14.05 2.04 -3.29
C LEU B 56 14.28 2.43 -1.84
N ALA B 57 14.71 3.67 -1.63
CA ALA B 57 15.03 4.18 -0.29
C ALA B 57 13.81 4.65 0.52
N PHE B 58 12.65 4.73 -0.12
CA PHE B 58 11.44 5.27 0.55
C PHE B 58 11.15 4.42 1.78
N GLY B 59 11.00 5.08 2.92
CA GLY B 59 10.63 4.38 4.16
C GLY B 59 11.75 3.61 4.84
N SER B 60 12.97 3.71 4.30
CA SER B 60 14.14 3.04 4.86
C SER B 60 14.78 3.93 5.91
N ALA B 61 15.89 3.43 6.49
CA ALA B 61 16.55 4.14 7.58
C ALA B 61 17.19 5.46 7.15
N ILE B 62 17.36 5.67 5.84
CA ILE B 62 17.86 6.95 5.29
C ILE B 62 16.75 7.91 4.81
N ASP B 63 15.49 7.59 5.15
CA ASP B 63 14.35 8.46 4.87
C ASP B 63 13.83 8.94 6.23
N TRP B 64 13.89 10.25 6.48
CA TRP B 64 13.35 10.79 7.74
C TRP B 64 11.85 10.48 7.96
N GLN B 65 11.10 10.38 6.86
CA GLN B 65 9.68 10.06 6.93
C GLN B 65 8.91 10.99 7.88
N TYR B 66 9.14 12.28 7.73
CA TYR B 66 8.43 13.26 8.54
C TYR B 66 6.93 13.12 8.26
N GLN B 67 6.09 13.38 9.25
CA GLN B 67 4.66 13.13 9.09
C GLN B 67 3.92 14.44 9.32
N SER B 68 2.96 14.75 8.46
CA SER B 68 2.13 15.95 8.63
C SER B 68 0.99 15.69 9.62
N ILE B 69 0.37 16.77 10.10
CA ILE B 69 -0.90 16.66 10.77
C ILE B 69 -2.01 16.25 9.77
N ASN B 70 -3.18 15.90 10.30
CA ASN B 70 -4.35 15.65 9.46
C ASN B 70 -4.59 16.85 8.52
N GLN B 71 -4.72 16.56 7.22
CA GLN B 71 -4.84 17.62 6.21
C GLN B 71 -6.31 17.91 5.98
N SER B 72 -6.81 18.90 6.72
CA SER B 72 -8.26 19.09 6.81
C SER B 72 -8.92 19.62 5.53
N TYR B 73 -8.15 20.21 4.62
CA TYR B 73 -8.72 20.69 3.36
C TYR B 73 -8.66 19.65 2.27
N ALA B 74 -8.00 18.54 2.56
CA ALA B 74 -7.66 17.52 1.56
C ALA B 74 -8.30 16.17 1.88
N GLY B 75 -9.29 16.15 2.78
CA GLY B 75 -9.92 14.88 3.20
C GLY B 75 -9.43 14.28 4.52
N GLY B 76 -8.46 14.92 5.16
CA GLY B 76 -8.13 14.55 6.54
C GLY B 76 -6.94 13.63 6.81
N LYS B 77 -6.47 12.90 5.80
CA LYS B 77 -5.33 12.00 6.07
C LYS B 77 -4.06 12.76 6.44
N GLN B 78 -3.17 12.13 7.20
CA GLN B 78 -1.79 12.62 7.36
C GLN B 78 -0.96 12.26 6.14
N GLN B 79 0.05 13.09 5.86
CA GLN B 79 0.92 12.83 4.73
C GLN B 79 2.37 12.66 5.14
N VAL B 80 3.05 11.70 4.53
CA VAL B 80 4.52 11.64 4.73
C VAL B 80 5.22 12.69 3.86
N LEU B 81 6.15 13.41 4.47
CA LEU B 81 7.06 14.30 3.75
C LEU B 81 8.45 13.70 3.87
N ARG B 82 8.89 13.06 2.79
CA ARG B 82 10.16 12.36 2.79
C ARG B 82 11.34 13.31 2.73
N ALA B 83 12.47 12.84 3.23
CA ALA B 83 13.70 13.63 3.27
C ALA B 83 14.88 12.71 3.57
N GLY B 84 16.04 13.05 3.04
CA GLY B 84 17.20 12.17 3.14
C GLY B 84 17.89 12.37 4.47
N LYS B 85 18.13 11.26 5.18
CA LYS B 85 18.88 11.26 6.44
C LYS B 85 20.16 10.53 6.09
N ALA B 86 21.16 11.31 5.69
CA ALA B 86 22.34 10.76 5.06
C ALA B 86 23.27 11.90 4.70
N LEU B 87 24.55 11.59 4.60
CA LEU B 87 25.51 12.54 4.04
C LEU B 87 25.15 12.74 2.58
N GLY B 88 24.75 13.97 2.25
CA GLY B 88 24.21 14.29 0.94
C GLY B 88 22.72 14.63 1.04
N GLY B 89 22.14 14.39 2.21
CA GLY B 89 20.74 14.77 2.44
C GLY B 89 19.77 14.19 1.42
N THR B 90 18.81 15.01 1.01
CA THR B 90 17.70 14.52 0.19
C THR B 90 18.14 14.22 -1.25
N SER B 91 19.30 14.73 -1.65
CA SER B 91 19.85 14.40 -2.96
C SER B 91 20.16 12.91 -3.11
N THR B 92 20.27 12.20 -1.99
CA THR B 92 20.56 10.74 -1.99
C THR B 92 19.34 9.87 -2.24
N ILE B 93 18.13 10.43 -2.10
CA ILE B 93 16.89 9.62 -2.23
C ILE B 93 15.93 10.18 -3.29
N ASN B 94 16.36 11.24 -3.96
CA ASN B 94 15.45 11.94 -4.85
C ASN B 94 15.38 11.33 -6.25
N GLY B 95 14.62 11.95 -7.13
CA GLY B 95 14.39 11.40 -8.47
C GLY B 95 15.46 11.75 -9.49
N MET B 96 16.45 12.54 -9.07
CA MET B 96 17.62 12.91 -9.89
C MET B 96 17.35 13.88 -11.04
N ALA B 97 16.11 14.34 -11.19
CA ALA B 97 15.83 15.22 -12.32
C ALA B 97 16.51 16.57 -12.13
N TYR B 98 17.11 17.10 -13.19
CA TYR B 98 17.81 18.39 -13.12
C TYR B 98 17.09 19.41 -14.01
N THR B 99 16.18 20.20 -13.41
CA THR B 99 15.55 21.32 -14.12
C THR B 99 15.52 22.54 -13.19
N ARG B 100 15.51 23.73 -13.77
CA ARG B 100 15.70 24.97 -13.00
C ARG B 100 14.42 25.75 -12.67
N ALA B 101 14.35 26.99 -13.17
CA ALA B 101 13.25 27.87 -12.80
C ALA B 101 12.98 28.79 -13.96
N GLU B 102 11.82 29.45 -13.96
CA GLU B 102 11.56 30.44 -15.00
C GLU B 102 12.32 31.69 -14.64
N ASP B 103 12.94 32.33 -15.63
CA ASP B 103 13.75 33.50 -15.34
C ASP B 103 13.00 34.54 -14.51
N VAL B 104 11.79 34.86 -14.92
CA VAL B 104 11.02 35.89 -14.22
C VAL B 104 10.66 35.52 -12.79
N GLN B 105 10.58 34.23 -12.47
CA GLN B 105 10.23 33.89 -11.10
C GLN B 105 11.43 34.05 -10.14
N ILE B 106 12.65 34.01 -10.68
CA ILE B 106 13.82 34.41 -9.90
C ILE B 106 13.92 35.95 -9.83
N ASP B 107 13.63 36.63 -10.95
CA ASP B 107 13.59 38.12 -10.97
C ASP B 107 12.62 38.65 -9.92
N VAL B 108 11.54 37.90 -9.65
CA VAL B 108 10.55 38.31 -8.64
C VAL B 108 11.19 38.44 -7.25
N TRP B 109 12.27 37.69 -6.99
CA TRP B 109 12.93 37.80 -5.68
C TRP B 109 13.44 39.22 -5.47
N GLN B 110 14.10 39.80 -6.47
CA GLN B 110 14.53 41.20 -6.36
C GLN B 110 13.34 42.18 -6.34
N LYS B 111 12.31 41.91 -7.13
CA LYS B 111 11.11 42.78 -7.09
C LYS B 111 10.49 42.83 -5.69
N LEU B 112 10.52 41.69 -5.01
CA LEU B 112 10.02 41.57 -3.65
C LEU B 112 10.88 42.40 -2.68
N GLY B 113 12.14 42.60 -3.03
CA GLY B 113 13.02 43.47 -2.24
C GLY B 113 14.28 42.75 -1.79
N ASN B 114 14.56 41.58 -2.36
CA ASN B 114 15.81 40.83 -2.07
C ASN B 114 16.88 41.28 -3.08
N GLU B 115 17.66 42.29 -2.70
CA GLU B 115 18.58 42.89 -3.65
C GLU B 115 19.65 41.89 -4.13
N GLY B 116 19.85 41.84 -5.44
CA GLY B 116 20.91 41.03 -6.04
C GLY B 116 20.45 39.66 -6.48
N TRP B 117 19.16 39.37 -6.29
CA TRP B 117 18.64 38.05 -6.65
C TRP B 117 17.75 38.17 -7.88
N THR B 118 18.32 37.85 -9.03
CA THR B 118 17.62 37.88 -10.34
C THR B 118 18.11 36.67 -11.12
N TRP B 119 17.44 36.34 -12.24
CA TRP B 119 17.91 35.26 -13.10
C TRP B 119 19.35 35.57 -13.58
N LYS B 120 19.56 36.81 -14.02
CA LYS B 120 20.87 37.26 -14.50
C LYS B 120 21.99 37.03 -13.47
N ASP B 121 21.67 37.30 -12.21
CA ASP B 121 22.64 37.18 -11.12
C ASP B 121 22.85 35.74 -10.65
N LEU B 122 21.82 34.90 -10.81
CA LEU B 122 21.89 33.52 -10.37
C LEU B 122 22.45 32.59 -11.43
N LEU B 123 22.21 32.89 -12.71
CA LEU B 123 22.71 32.04 -13.80
C LEU B 123 24.19 31.64 -13.64
N PRO B 124 25.10 32.61 -13.37
CA PRO B 124 26.52 32.19 -13.24
C PRO B 124 26.75 31.11 -12.19
N TYR B 125 25.90 31.11 -11.14
CA TYR B 125 26.04 30.14 -10.07
C TYR B 125 25.44 28.79 -10.41
N TYR B 126 24.36 28.76 -11.19
CA TYR B 126 23.89 27.53 -11.82
C TYR B 126 25.05 26.93 -12.64
N LEU B 127 25.68 27.78 -13.47
CA LEU B 127 26.76 27.33 -14.33
C LEU B 127 27.95 26.83 -13.50
N LYS B 128 28.32 27.60 -12.46
CA LYS B 128 29.39 27.21 -11.56
C LYS B 128 29.19 25.82 -10.96
N SER B 129 27.95 25.49 -10.58
CA SER B 129 27.67 24.20 -9.89
C SER B 129 27.79 22.99 -10.81
N GLU B 130 27.59 23.22 -12.11
CA GLU B 130 27.25 22.17 -13.08
C GLU B 130 28.43 21.65 -13.89
N ASN B 131 28.46 20.33 -14.09
CA ASN B 131 29.35 19.72 -15.10
C ASN B 131 28.53 18.80 -16.01
N LEU B 132 28.04 19.34 -17.10
CA LEU B 132 27.20 18.57 -18.02
C LEU B 132 28.04 17.71 -18.93
N THR B 133 27.77 16.41 -18.92
CA THR B 133 28.34 15.47 -19.89
C THR B 133 27.54 15.57 -21.18
N ALA B 134 28.20 15.95 -22.26
CA ALA B 134 27.53 16.10 -23.55
C ALA B 134 26.94 14.75 -23.96
N PRO B 135 25.72 14.75 -24.54
CA PRO B 135 25.16 13.47 -24.98
C PRO B 135 25.92 12.85 -26.16
N THR B 136 25.97 11.53 -26.23
CA THR B 136 26.59 10.85 -27.36
C THR B 136 25.64 10.93 -28.56
N SER B 137 26.10 10.49 -29.72
CA SER B 137 25.23 10.40 -30.90
C SER B 137 23.92 9.64 -30.67
N SER B 138 24.01 8.47 -30.03
CA SER B 138 22.80 7.69 -29.75
C SER B 138 21.85 8.37 -28.75
N GLN B 139 22.42 9.07 -27.76
CA GLN B 139 21.58 9.77 -26.78
C GLN B 139 20.82 10.90 -27.43
N VAL B 140 21.48 11.59 -28.37
CA VAL B 140 20.83 12.66 -29.13
C VAL B 140 19.71 12.09 -30.01
N ALA B 141 19.97 10.93 -30.60
CA ALA B 141 18.96 10.21 -31.41
C ALA B 141 17.76 9.84 -30.55
N ALA B 142 18.02 9.57 -29.26
CA ALA B 142 16.98 9.32 -28.28
C ALA B 142 16.33 10.58 -27.70
N GLY B 143 16.80 11.75 -28.12
CA GLY B 143 16.11 13.01 -27.78
C GLY B 143 16.82 13.91 -26.79
N ALA B 144 17.99 13.47 -26.31
CA ALA B 144 18.80 14.34 -25.46
C ALA B 144 19.25 15.60 -26.19
N ALA B 145 19.21 16.74 -25.50
CA ALA B 145 19.52 18.01 -26.12
C ALA B 145 19.86 19.00 -25.02
N TYR B 146 20.61 20.03 -25.37
CA TYR B 146 20.96 21.10 -24.42
C TYR B 146 21.39 22.35 -25.16
N ASN B 147 21.33 23.49 -24.48
CA ASN B 147 21.86 24.74 -24.99
C ASN B 147 23.19 24.97 -24.29
N PRO B 148 24.31 24.89 -25.04
CA PRO B 148 25.63 25.02 -24.45
C PRO B 148 25.79 26.32 -23.66
N ALA B 149 25.09 27.38 -24.05
CA ALA B 149 25.23 28.68 -23.40
C ALA B 149 24.77 28.71 -21.94
N VAL B 150 23.89 27.78 -21.56
CA VAL B 150 23.33 27.80 -20.20
C VAL B 150 23.74 26.57 -19.39
N ASN B 151 24.73 25.83 -19.87
CA ASN B 151 25.22 24.67 -19.12
C ASN B 151 26.69 24.76 -18.79
N GLY B 152 27.02 24.58 -17.52
CA GLY B 152 28.41 24.54 -17.12
C GLY B 152 29.03 23.20 -17.44
N LYS B 153 30.34 23.19 -17.68
CA LYS B 153 31.04 21.93 -17.92
C LYS B 153 32.29 21.77 -17.05
N GLU B 154 32.39 22.52 -15.94
CA GLU B 154 33.49 22.27 -15.03
C GLU B 154 33.18 22.28 -13.52
N GLY B 155 31.90 22.32 -13.18
CA GLY B 155 31.51 22.37 -11.76
C GLY B 155 31.50 21.01 -11.09
N PRO B 156 31.22 20.98 -9.77
CA PRO B 156 31.28 19.72 -9.03
C PRO B 156 30.14 18.75 -9.37
N LEU B 157 28.99 19.26 -9.80
CA LEU B 157 27.80 18.42 -9.99
C LEU B 157 27.70 17.87 -11.41
N LYS B 158 27.96 16.58 -11.55
CA LYS B 158 27.84 15.91 -12.83
C LYS B 158 26.36 15.79 -13.19
N VAL B 159 26.05 16.15 -14.43
CA VAL B 159 24.71 16.13 -14.96
C VAL B 159 24.76 15.47 -16.36
N GLY B 160 23.75 14.68 -16.67
CA GLY B 160 23.69 14.08 -18.01
C GLY B 160 22.51 13.16 -18.18
N TRP B 161 22.62 12.27 -19.17
CA TRP B 161 21.59 11.29 -19.46
C TRP B 161 22.15 9.87 -19.33
N SER B 162 21.28 8.96 -18.94
CA SER B 162 21.60 7.54 -18.86
C SER B 162 22.27 7.07 -20.15
N GLY B 163 23.37 6.33 -19.99
CA GLY B 163 24.10 5.74 -21.13
C GLY B 163 23.18 4.94 -22.04
N SER B 164 22.21 4.26 -21.46
CA SER B 164 21.26 3.44 -22.21
C SER B 164 19.94 4.16 -22.54
N LEU B 165 19.98 5.49 -22.62
CA LEU B 165 18.81 6.26 -23.06
C LEU B 165 18.44 5.75 -24.45
N ALA B 166 17.19 5.37 -24.65
CA ALA B 166 16.79 4.89 -25.97
C ALA B 166 15.52 5.51 -26.50
N SER B 167 15.47 5.61 -27.82
CA SER B 167 14.31 6.09 -28.53
C SER B 167 13.27 4.98 -28.46
N GLY B 168 12.01 5.32 -28.60
CA GLY B 168 10.96 4.30 -28.57
C GLY B 168 9.70 4.94 -29.04
N ASN B 169 8.70 4.10 -29.32
CA ASN B 169 7.40 4.56 -29.82
C ASN B 169 6.69 5.56 -28.90
N LEU B 170 6.82 5.36 -27.59
CA LEU B 170 6.14 6.22 -26.61
C LEU B 170 6.64 7.67 -26.60
N SER B 171 7.95 7.86 -26.51
CA SER B 171 8.52 9.21 -26.51
C SER B 171 8.28 9.94 -27.83
N VAL B 172 8.30 9.17 -28.93
CA VAL B 172 7.96 9.75 -30.23
C VAL B 172 6.51 10.21 -30.25
N ALA B 173 5.60 9.32 -29.81
CA ALA B 173 4.19 9.65 -29.80
C ALA B 173 3.86 10.82 -28.89
N LEU B 174 4.48 10.84 -27.71
CA LEU B 174 4.27 11.94 -26.76
C LEU B 174 4.68 13.31 -27.32
N ASN B 175 5.87 13.35 -27.93
CA ASN B 175 6.32 14.52 -28.65
C ASN B 175 5.26 15.06 -29.64
N ARG B 176 4.81 14.20 -30.55
CA ARG B 176 3.90 14.63 -31.60
C ARG B 176 2.54 15.05 -31.06
N THR B 177 2.08 14.34 -30.04
CA THR B 177 0.78 14.64 -29.42
C THR B 177 0.85 15.95 -28.66
N PHE B 178 1.92 16.17 -27.89
CA PHE B 178 2.07 17.49 -27.27
C PHE B 178 2.19 18.62 -28.29
N GLN B 179 2.93 18.37 -29.37
CA GLN B 179 3.08 19.37 -30.44
C GLN B 179 1.72 19.70 -31.07
N ALA B 180 0.89 18.68 -31.27
CA ALA B 180 -0.49 18.84 -31.76
C ALA B 180 -1.35 19.66 -30.79
N ALA B 181 -1.02 19.58 -29.50
CA ALA B 181 -1.68 20.39 -28.47
C ALA B 181 -1.06 21.79 -28.30
N GLY B 182 -0.07 22.12 -29.13
CA GLY B 182 0.47 23.48 -29.18
C GLY B 182 1.70 23.68 -28.32
N VAL B 183 2.22 22.57 -27.78
CA VAL B 183 3.37 22.59 -26.85
C VAL B 183 4.60 22.00 -27.54
N PRO B 184 5.58 22.85 -27.86
CA PRO B 184 6.68 22.39 -28.70
C PRO B 184 7.78 21.66 -27.94
N TRP B 185 8.52 20.82 -28.67
CA TRP B 185 9.79 20.29 -28.18
CA TRP B 185 9.77 20.26 -28.17
C TRP B 185 10.77 21.43 -28.03
N VAL B 186 11.37 21.55 -26.86
CA VAL B 186 12.39 22.58 -26.65
C VAL B 186 13.70 21.88 -26.32
N GLU B 187 14.81 22.50 -26.74
CA GLU B 187 16.13 21.89 -26.56
CA GLU B 187 16.13 21.91 -26.57
C GLU B 187 16.58 21.84 -25.09
N ASP B 188 16.15 22.81 -24.31
CA ASP B 188 16.68 22.96 -22.96
C ASP B 188 15.68 23.72 -22.13
N VAL B 189 15.24 23.13 -21.02
CA VAL B 189 14.32 23.82 -20.14
C VAL B 189 15.09 24.64 -19.08
N ASN B 190 16.43 24.58 -19.12
CA ASN B 190 17.29 25.19 -18.09
C ASN B 190 17.92 26.54 -18.41
N GLY B 191 17.43 27.20 -19.46
CA GLY B 191 17.89 28.54 -19.80
C GLY B 191 16.95 29.67 -19.42
N GLY B 192 16.03 29.42 -18.48
CA GLY B 192 15.12 30.48 -17.97
C GLY B 192 13.72 30.43 -18.57
N LYS B 193 13.57 29.67 -19.65
CA LYS B 193 12.27 29.55 -20.32
C LYS B 193 11.91 28.08 -20.34
N MET B 194 11.00 27.69 -19.44
CA MET B 194 10.78 26.26 -19.21
C MET B 194 9.71 25.63 -20.04
N ARG B 195 8.81 26.45 -20.58
CA ARG B 195 7.66 25.91 -21.32
C ARG B 195 8.11 25.02 -22.46
N GLY B 196 7.54 23.82 -22.49
CA GLY B 196 7.71 22.91 -23.60
C GLY B 196 7.81 21.47 -23.18
N PHE B 197 8.07 20.63 -24.18
CA PHE B 197 8.29 19.19 -24.06
C PHE B 197 9.80 18.94 -24.14
N ASN B 198 10.33 18.05 -23.29
CA ASN B 198 11.79 17.86 -23.16
C ASN B 198 12.20 16.51 -22.60
N ILE B 199 13.32 15.97 -23.11
CA ILE B 199 13.91 14.77 -22.54
C ILE B 199 14.96 15.28 -21.55
N TYR B 200 14.55 15.43 -20.30
CA TYR B 200 15.34 16.18 -19.30
C TYR B 200 16.60 15.42 -18.86
N PRO B 201 17.67 16.16 -18.48
CA PRO B 201 18.86 15.55 -17.88
C PRO B 201 18.67 15.26 -16.39
N SER B 202 19.59 14.50 -15.83
CA SER B 202 19.60 14.10 -14.43
C SER B 202 20.95 14.30 -13.73
N THR B 203 20.92 14.29 -12.40
CA THR B 203 22.15 14.37 -11.63
C THR B 203 22.74 12.99 -11.57
N LEU B 204 23.60 12.71 -12.54
CA LEU B 204 24.18 11.39 -12.60
C LEU B 204 25.56 11.46 -13.20
N ASP B 205 26.40 10.55 -12.73
CA ASP B 205 27.74 10.34 -13.28
C ASP B 205 27.57 9.34 -14.41
N VAL B 206 27.66 9.81 -15.65
CA VAL B 206 27.34 8.94 -16.81
C VAL B 206 28.40 7.85 -16.94
N ASP B 207 29.67 8.24 -16.79
CA ASP B 207 30.86 7.34 -16.82
C ASP B 207 30.71 6.19 -15.83
N LEU B 208 30.60 6.51 -14.55
CA LEU B 208 30.40 5.51 -13.50
C LEU B 208 29.01 4.86 -13.48
N ASN B 209 28.04 5.47 -14.16
CA ASN B 209 26.61 5.09 -14.08
C ASN B 209 26.00 5.09 -12.66
N VAL B 210 26.25 6.16 -11.91
CA VAL B 210 25.77 6.25 -10.52
C VAL B 210 25.04 7.58 -10.29
N ARG B 211 24.10 7.57 -9.35
CA ARG B 211 23.47 8.82 -8.87
C ARG B 211 24.55 9.80 -8.40
N GLU B 212 24.46 11.06 -8.85
CA GLU B 212 25.38 12.11 -8.45
C GLU B 212 24.69 12.91 -7.36
N ASP B 213 24.83 12.44 -6.13
CA ASP B 213 24.24 13.16 -4.99
C ASP B 213 25.21 14.26 -4.56
N ALA B 214 24.76 15.13 -3.66
CA ALA B 214 25.60 16.26 -3.22
C ALA B 214 26.89 15.84 -2.56
N ALA B 215 26.91 14.67 -1.91
CA ALA B 215 28.14 14.21 -1.27
C ALA B 215 29.17 13.75 -2.30
N ARG B 216 28.73 12.98 -3.29
CA ARG B 216 29.62 12.59 -4.39
C ARG B 216 30.16 13.79 -5.15
N ALA B 217 29.35 14.85 -5.25
CA ALA B 217 29.73 16.05 -5.99
C ALA B 217 30.63 16.96 -5.14
N TYR B 218 30.15 17.30 -3.95
CA TYR B 218 30.74 18.40 -3.16
C TYR B 218 31.53 17.99 -1.93
N TYR B 219 31.51 16.71 -1.59
CA TYR B 219 32.19 16.28 -0.36
C TYR B 219 33.33 15.27 -0.60
N PHE B 220 32.99 14.11 -1.15
CA PHE B 220 33.98 13.03 -1.24
C PHE B 220 35.27 13.40 -1.98
N PRO B 221 35.20 14.16 -3.10
CA PRO B 221 36.43 14.52 -3.81
C PRO B 221 37.31 15.54 -3.05
N TYR B 222 36.82 16.00 -1.90
CA TYR B 222 37.44 17.10 -1.16
C TYR B 222 37.77 16.77 0.28
N ASP B 223 37.49 15.54 0.72
CA ASP B 223 37.69 15.27 2.14
C ASP B 223 39.15 15.00 2.53
N ASP B 224 40.08 15.17 1.58
CA ASP B 224 41.52 15.30 1.88
C ASP B 224 41.84 16.60 2.63
N ARG B 225 40.98 17.61 2.48
CA ARG B 225 41.21 18.91 3.09
C ARG B 225 41.31 18.81 4.62
N LYS B 226 42.43 19.26 5.16
CA LYS B 226 42.70 19.16 6.61
C LYS B 226 41.85 20.12 7.42
N ASN B 227 41.27 21.13 6.76
CA ASN B 227 40.49 22.18 7.42
C ASN B 227 38.99 21.95 7.30
N LEU B 228 38.60 20.87 6.60
CA LEU B 228 37.20 20.48 6.50
C LEU B 228 36.93 19.29 7.40
N HIS B 229 35.99 19.44 8.33
CA HIS B 229 35.75 18.40 9.33
C HIS B 229 34.30 17.95 9.26
N LEU B 230 34.06 16.67 9.52
CA LEU B 230 32.71 16.14 9.47
C LEU B 230 32.40 15.28 10.68
N LEU B 231 31.28 15.58 11.32
CA LEU B 231 30.74 14.66 12.32
C LEU B 231 29.46 14.04 11.80
N GLU B 232 29.53 12.74 11.49
CA GLU B 232 28.35 11.96 11.08
C GLU B 232 27.59 11.49 12.32
N ASN B 233 26.35 11.02 12.14
CA ASN B 233 25.53 10.49 13.24
C ASN B 233 25.45 11.46 14.42
N THR B 234 25.37 12.75 14.09
CA THR B 234 25.47 13.83 15.09
C THR B 234 24.36 14.82 14.80
N THR B 235 23.50 15.03 15.79
CA THR B 235 22.32 15.88 15.65
C THR B 235 22.54 17.23 16.34
N ALA B 236 22.33 18.30 15.60
CA ALA B 236 22.27 19.63 16.16
C ALA B 236 20.92 19.86 16.83
N ASN B 237 20.94 20.24 18.11
CA ASN B 237 19.70 20.48 18.86
C ASN B 237 19.26 21.93 18.78
N ARG B 238 20.22 22.83 18.95
CA ARG B 238 19.96 24.27 18.99
C ARG B 238 21.27 25.02 18.97
N LEU B 239 21.17 26.32 18.69
CA LEU B 239 22.30 27.23 18.81
C LEU B 239 22.34 27.78 20.22
N PHE B 240 23.54 28.13 20.64
CA PHE B 240 23.69 28.90 21.88
C PHE B 240 24.40 30.22 21.57
N TRP B 241 24.21 31.19 22.46
CA TRP B 241 24.48 32.58 22.17
C TRP B 241 25.56 33.16 23.08
N LYS B 242 26.31 34.12 22.56
CA LYS B 242 27.25 34.87 23.38
C LYS B 242 26.47 35.73 24.35
N ASN B 243 27.03 35.93 25.54
CA ASN B 243 26.38 36.72 26.58
C ASN B 243 27.08 38.04 26.83
N GLY B 244 27.03 38.91 25.84
CA GLY B 244 27.66 40.23 25.95
C GLY B 244 26.66 41.37 26.00
N SER B 245 27.12 42.55 25.58
CA SER B 245 26.30 43.77 25.58
C SER B 245 26.03 44.26 24.15
N ALA B 246 25.87 43.32 23.21
CA ALA B 246 25.60 43.65 21.81
C ALA B 246 24.10 43.90 21.56
N GLU B 247 23.79 44.52 20.42
CA GLU B 247 22.41 44.75 19.99
C GLU B 247 21.83 43.47 19.39
N GLU B 248 22.41 43.00 18.30
CA GLU B 248 22.02 41.75 17.67
C GLU B 248 22.40 40.56 18.56
N ALA B 249 21.75 39.43 18.33
CA ALA B 249 22.15 38.19 18.93
C ALA B 249 23.37 37.65 18.16
N ILE B 250 24.39 37.20 18.89
CA ILE B 250 25.57 36.61 18.29
C ILE B 250 25.65 35.14 18.66
N ALA B 251 25.53 34.26 17.66
CA ALA B 251 25.67 32.82 17.90
C ALA B 251 27.10 32.50 18.33
N ASP B 252 27.22 31.68 19.35
CA ASP B 252 28.50 31.24 19.89
C ASP B 252 28.85 29.84 19.38
N GLY B 253 27.81 29.03 19.18
CA GLY B 253 28.00 27.69 18.65
C GLY B 253 26.72 26.88 18.60
N VAL B 254 26.90 25.56 18.57
CA VAL B 254 25.78 24.64 18.38
C VAL B 254 25.90 23.56 19.40
N GLU B 255 24.77 23.23 20.03
CA GLU B 255 24.67 22.12 20.96
CA GLU B 255 24.69 22.11 20.96
C GLU B 255 24.38 20.86 20.15
N ILE B 256 25.15 19.80 20.39
CA ILE B 256 25.01 18.56 19.61
C ILE B 256 24.82 17.31 20.46
N THR B 257 24.13 16.32 19.89
CA THR B 257 23.95 15.03 20.53
C THR B 257 24.59 14.01 19.61
N SER B 258 25.52 13.24 20.16
CA SER B 258 26.19 12.16 19.42
C SER B 258 25.44 10.84 19.51
N ALA B 259 25.93 9.85 18.74
CA ALA B 259 25.37 8.51 18.67
C ALA B 259 25.32 7.81 20.03
N ASP B 260 26.34 8.04 20.86
CA ASP B 260 26.35 7.49 22.23
C ASP B 260 25.41 8.25 23.19
N GLY B 261 24.76 9.29 22.70
CA GLY B 261 23.81 10.03 23.49
C GLY B 261 24.45 11.15 24.30
N LYS B 262 25.77 11.29 24.18
CA LYS B 262 26.47 12.38 24.83
C LYS B 262 26.06 13.71 24.19
N VAL B 263 25.83 14.71 25.04
CA VAL B 263 25.47 16.04 24.58
C VAL B 263 26.63 16.98 24.85
N THR B 264 27.14 17.63 23.79
CA THR B 264 28.30 18.50 23.92
C THR B 264 28.12 19.79 23.12
N ARG B 265 29.13 20.65 23.11
CA ARG B 265 29.03 21.91 22.36
C ARG B 265 30.19 22.03 21.38
N VAL B 266 29.89 22.55 20.19
CA VAL B 266 30.94 23.03 19.29
C VAL B 266 30.77 24.54 19.06
N HIS B 267 31.88 25.23 18.80
CA HIS B 267 31.89 26.70 18.78
C HIS B 267 32.32 27.21 17.42
N ALA B 268 31.72 28.32 16.99
CA ALA B 268 32.07 28.94 15.71
C ALA B 268 32.60 30.34 15.99
N LYS B 269 33.79 30.62 15.46
CA LYS B 269 34.40 31.94 15.61
C LYS B 269 33.74 32.97 14.73
N LYS B 270 33.29 32.54 13.55
CA LYS B 270 32.71 33.47 12.59
C LYS B 270 31.20 33.36 12.49
N GLU B 271 30.70 32.32 11.82
CA GLU B 271 29.26 32.17 11.61
C GLU B 271 28.74 30.74 11.77
N VAL B 272 27.45 30.60 12.07
CA VAL B 272 26.78 29.31 12.00
C VAL B 272 25.86 29.34 10.80
N ILE B 273 25.97 28.32 9.95
CA ILE B 273 25.13 28.21 8.76
C ILE B 273 24.19 27.03 8.96
N ILE B 274 22.90 27.30 8.88
CA ILE B 274 21.89 26.26 9.12
C ILE B 274 21.36 25.80 7.76
N SER B 275 21.52 24.50 7.50
CA SER B 275 21.22 23.88 6.20
C SER B 275 20.56 22.53 6.46
N ALA B 276 19.69 22.48 7.47
CA ALA B 276 19.05 21.22 7.90
C ALA B 276 17.77 20.87 7.12
N GLY B 277 17.44 21.69 6.11
CA GLY B 277 16.26 21.44 5.27
C GLY B 277 15.07 22.25 5.72
N ALA B 278 14.12 22.45 4.80
CA ALA B 278 12.95 23.28 5.08
C ALA B 278 12.11 22.77 6.26
N LEU B 279 12.24 21.49 6.58
CA LEU B 279 11.44 20.94 7.68
C LEU B 279 12.22 20.79 8.98
N ARG B 280 13.46 21.29 9.04
CA ARG B 280 14.24 21.22 10.28
C ARG B 280 14.87 22.55 10.63
N SER B 281 15.35 23.30 9.63
CA SER B 281 15.99 24.58 9.92
C SER B 281 15.17 25.53 10.80
N PRO B 282 13.87 25.73 10.48
CA PRO B 282 13.06 26.61 11.32
C PRO B 282 12.92 26.09 12.75
N LEU B 283 12.92 24.77 12.91
CA LEU B 283 12.82 24.14 14.25
C LEU B 283 14.08 24.39 15.06
N ILE B 284 15.23 24.33 14.41
CA ILE B 284 16.52 24.68 15.07
C ILE B 284 16.49 26.13 15.54
N LEU B 285 15.98 27.02 14.68
CA LEU B 285 15.79 28.42 15.05
C LEU B 285 14.89 28.56 16.27
N GLU B 286 13.73 27.89 16.24
CA GLU B 286 12.79 27.96 17.35
C GLU B 286 13.39 27.47 18.69
N LEU B 287 14.08 26.32 18.67
CA LEU B 287 14.75 25.78 19.86
C LEU B 287 15.89 26.69 20.37
N SER B 288 16.43 27.51 19.46
CA SER B 288 17.46 28.51 19.79
C SER B 288 16.92 29.83 20.31
N GLY B 289 15.60 29.96 20.38
CA GLY B 289 14.97 31.19 20.88
C GLY B 289 14.69 32.21 19.80
N VAL B 290 14.65 31.75 18.54
CA VAL B 290 14.38 32.69 17.45
C VAL B 290 13.09 32.25 16.80
N GLY B 291 12.05 33.07 16.92
CA GLY B 291 10.75 32.61 16.42
C GLY B 291 9.63 33.38 17.08
N ASN B 292 8.43 32.79 17.04
CA ASN B 292 7.25 33.40 17.60
C ASN B 292 7.29 33.26 19.12
N PRO B 293 7.36 34.38 19.87
CA PRO B 293 7.41 34.31 21.33
C PRO B 293 6.29 33.50 21.95
N THR B 294 5.08 33.54 21.36
CA THR B 294 3.95 32.74 21.86
C THR B 294 4.31 31.27 21.93
N ILE B 295 4.88 30.76 20.84
CA ILE B 295 5.24 29.36 20.72
C ILE B 295 6.45 29.04 21.60
N LEU B 296 7.43 29.93 21.61
CA LEU B 296 8.62 29.70 22.43
C LEU B 296 8.24 29.65 23.93
N LYS B 297 7.45 30.62 24.36
CA LYS B 297 6.98 30.68 25.76
C LYS B 297 6.13 29.48 26.18
N LYS B 298 5.28 28.99 25.28
CA LYS B 298 4.48 27.78 25.54
C LYS B 298 5.38 26.59 25.83
N ASN B 299 6.58 26.61 25.25
CA ASN B 299 7.55 25.52 25.43
C ASN B 299 8.71 25.84 26.38
N ASN B 300 8.54 26.86 27.22
CA ASN B 300 9.55 27.27 28.21
C ASN B 300 10.92 27.62 27.58
N ILE B 301 10.88 28.23 26.40
CA ILE B 301 12.11 28.70 25.72
C ILE B 301 12.10 30.22 25.80
N THR B 302 13.18 30.83 26.30
CA THR B 302 13.21 32.30 26.34
C THR B 302 13.52 32.86 24.95
N PRO B 303 12.65 33.78 24.46
CA PRO B 303 12.96 34.42 23.18
C PRO B 303 14.26 35.19 23.19
N ARG B 304 15.08 34.91 22.18
CA ARG B 304 16.32 35.65 21.96
CA ARG B 304 16.34 35.58 21.91
C ARG B 304 16.04 36.66 20.86
N VAL B 305 15.25 36.27 19.85
CA VAL B 305 14.81 37.16 18.77
C VAL B 305 13.31 36.93 18.49
N ASP B 306 12.55 38.01 18.50
CA ASP B 306 11.12 38.02 18.21
C ASP B 306 10.95 38.04 16.71
N LEU B 307 10.74 36.86 16.12
CA LEU B 307 10.69 36.73 14.68
C LEU B 307 9.60 35.71 14.37
N PRO B 308 8.34 36.17 14.40
CA PRO B 308 7.28 35.18 14.53
C PRO B 308 6.93 34.49 13.21
N THR B 309 7.59 34.87 12.12
CA THR B 309 7.34 34.14 10.85
C THR B 309 8.29 32.95 10.64
N VAL B 310 9.17 32.68 11.61
CA VAL B 310 9.95 31.42 11.58
C VAL B 310 8.98 30.25 11.54
N GLY B 311 9.08 29.39 10.54
CA GLY B 311 8.14 28.25 10.46
C GLY B 311 6.85 28.54 9.69
N GLU B 312 6.55 29.81 9.48
CA GLU B 312 5.42 30.24 8.66
C GLU B 312 5.79 30.28 7.18
N ASN B 313 4.78 30.52 6.34
CA ASN B 313 4.93 30.62 4.89
C ASN B 313 5.39 29.34 4.22
N LEU B 314 5.10 28.21 4.87
CA LEU B 314 5.40 26.90 4.29
C LEU B 314 4.56 26.72 3.02
N GLN B 315 5.24 26.40 1.93
CA GLN B 315 4.60 26.18 0.63
C GLN B 315 5.09 24.85 0.09
N ASP B 316 4.17 23.96 -0.29
CA ASP B 316 4.57 22.70 -0.91
C ASP B 316 3.64 22.46 -2.09
N GLN B 317 4.04 21.52 -2.94
CA GLN B 317 3.20 21.09 -4.04
C GLN B 317 2.67 19.70 -3.74
N PHE B 318 1.63 19.29 -4.46
CA PHE B 318 1.14 17.91 -4.35
C PHE B 318 1.12 17.19 -5.69
N ASN B 319 1.37 15.89 -5.63
CA ASN B 319 1.68 15.06 -6.79
C ASN B 319 0.55 14.02 -6.93
N ASN B 320 0.04 13.86 -8.14
CA ASN B 320 -0.91 12.79 -8.45
C ASN B 320 -0.37 12.00 -9.61
N GLY B 321 -1.00 10.85 -9.86
CA GLY B 321 -0.53 10.00 -10.95
C GLY B 321 -1.67 9.46 -11.78
N MET B 322 -1.40 9.22 -13.05
CA MET B 322 -2.38 8.62 -13.96
C MET B 322 -1.66 7.51 -14.73
N ALA B 323 -2.39 6.65 -15.43
CA ALA B 323 -1.74 5.52 -16.09
C ALA B 323 -2.56 5.06 -17.26
N GLY B 324 -1.89 4.42 -18.21
CA GLY B 324 -2.56 3.79 -19.36
C GLY B 324 -1.93 2.46 -19.68
N GLU B 325 -2.58 1.75 -20.61
CA GLU B 325 -2.13 0.45 -21.03
C GLU B 325 -2.06 0.47 -22.55
N GLY B 326 -0.95 0.00 -23.11
CA GLY B 326 -0.79 -0.02 -24.56
C GLY B 326 -1.34 -1.28 -25.19
N TYR B 327 -1.61 -1.21 -26.49
CA TYR B 327 -1.97 -2.42 -27.25
C TYR B 327 -0.81 -3.39 -27.28
N GLY B 328 0.40 -2.84 -27.32
CA GLY B 328 1.64 -3.61 -27.26
C GLY B 328 2.67 -2.95 -26.37
N VAL B 329 3.92 -3.37 -26.51
CA VAL B 329 5.02 -2.86 -25.69
C VAL B 329 5.30 -1.37 -25.97
N LEU B 330 5.47 -0.59 -24.88
CA LEU B 330 5.74 0.83 -24.96
C LEU B 330 7.16 1.09 -24.52
N ALA B 331 7.90 1.86 -25.29
CA ALA B 331 9.32 2.11 -24.99
C ALA B 331 9.70 3.55 -25.29
N GLY B 332 10.78 4.01 -24.69
CA GLY B 332 11.22 5.39 -24.90
C GLY B 332 11.81 6.01 -23.65
N ALA B 333 12.22 7.27 -23.76
CA ALA B 333 12.85 7.96 -22.65
C ALA B 333 11.75 8.56 -21.78
N SER B 334 12.08 8.85 -20.51
CA SER B 334 11.16 9.64 -19.68
C SER B 334 11.15 11.06 -20.22
N THR B 335 9.98 11.66 -20.18
CA THR B 335 9.75 12.95 -20.81
C THR B 335 9.14 13.88 -19.77
N VAL B 336 9.43 15.18 -19.90
CA VAL B 336 8.76 16.21 -19.09
C VAL B 336 8.04 17.21 -19.99
N THR B 337 6.86 17.66 -19.55
CA THR B 337 6.19 18.75 -20.24
C THR B 337 5.83 19.79 -19.23
N TYR B 338 6.15 21.05 -19.57
CA TYR B 338 5.86 22.20 -18.74
C TYR B 338 4.85 23.09 -19.48
N PRO B 339 3.54 22.85 -19.25
CA PRO B 339 2.52 23.64 -19.95
C PRO B 339 2.14 24.91 -19.19
N SER B 340 1.81 25.98 -19.91
CA SER B 340 1.31 27.22 -19.30
C SER B 340 -0.19 27.11 -19.00
N ILE B 341 -0.74 28.13 -18.35
CA ILE B 341 -2.18 28.15 -18.08
C ILE B 341 -3.02 27.99 -19.37
N SER B 342 -2.63 28.65 -20.45
CA SER B 342 -3.44 28.55 -21.69
C SER B 342 -3.26 27.21 -22.41
N ASP B 343 -2.10 26.58 -22.24
CA ASP B 343 -1.91 25.22 -22.75
C ASP B 343 -2.85 24.23 -22.09
N VAL B 344 -3.05 24.39 -20.79
CA VAL B 344 -3.87 23.45 -20.02
C VAL B 344 -5.35 23.76 -20.22
N PHE B 345 -5.72 25.04 -20.25
CA PHE B 345 -7.13 25.44 -20.21
C PHE B 345 -7.73 25.93 -21.54
N GLY B 346 -6.87 26.19 -22.52
CA GLY B 346 -7.29 26.56 -23.88
C GLY B 346 -8.25 27.74 -23.87
N ASN B 347 -9.39 27.59 -24.56
CA ASN B 347 -10.33 28.72 -24.72
C ASN B 347 -11.03 29.15 -23.44
N GLU B 348 -10.91 28.33 -22.40
CA GLU B 348 -11.48 28.63 -21.08
C GLU B 348 -10.56 29.49 -20.19
N THR B 349 -9.37 29.80 -20.68
CA THR B 349 -8.35 30.49 -19.86
C THR B 349 -8.81 31.84 -19.29
N ASP B 350 -9.39 32.70 -20.12
CA ASP B 350 -9.76 34.04 -19.65
C ASP B 350 -10.74 33.99 -18.47
N SER B 351 -11.65 33.03 -18.53
CA SER B 351 -12.66 32.80 -17.51
C SER B 351 -12.01 32.31 -16.21
N ILE B 352 -11.08 31.38 -16.37
CA ILE B 352 -10.30 30.87 -15.24
C ILE B 352 -9.46 31.98 -14.59
N VAL B 353 -8.83 32.82 -15.43
CA VAL B 353 -8.05 33.96 -14.94
C VAL B 353 -8.93 34.94 -14.16
N ALA B 354 -10.13 35.24 -14.67
CA ALA B 354 -11.05 36.17 -13.98
C ALA B 354 -11.48 35.62 -12.63
N SER B 355 -11.79 34.32 -12.60
CA SER B 355 -12.18 33.65 -11.34
C SER B 355 -11.05 33.69 -10.32
N LEU B 356 -9.86 33.29 -10.75
CA LEU B 356 -8.68 33.35 -9.89
C LEU B 356 -8.45 34.77 -9.34
N ARG B 357 -8.47 35.77 -10.23
CA ARG B 357 -8.23 37.17 -9.80
C ARG B 357 -9.20 37.59 -8.71
N SER B 358 -10.46 37.19 -8.89
CA SER B 358 -11.51 37.52 -7.93
C SER B 358 -11.35 36.85 -6.56
N GLN B 359 -10.46 35.86 -6.48
CA GLN B 359 -10.30 35.06 -5.24
C GLN B 359 -9.07 35.41 -4.39
N LEU B 360 -8.14 36.18 -4.96
CA LEU B 360 -6.84 36.41 -4.31
C LEU B 360 -6.97 37.11 -2.96
N SER B 361 -7.90 38.05 -2.86
CA SER B 361 -8.10 38.79 -1.62
C SER B 361 -8.60 37.87 -0.49
N ASP B 362 -9.49 36.96 -0.86
CA ASP B 362 -10.03 35.97 0.08
C ASP B 362 -8.97 34.93 0.42
N TYR B 363 -8.12 34.57 -0.54
CA TYR B 363 -6.98 33.68 -0.21
C TYR B 363 -6.10 34.33 0.85
N ALA B 364 -5.71 35.59 0.63
CA ALA B 364 -4.87 36.31 1.57
C ALA B 364 -5.51 36.32 2.96
N ALA B 365 -6.79 36.67 3.04
CA ALA B 365 -7.48 36.74 4.33
C ALA B 365 -7.46 35.40 5.07
N ALA B 366 -7.63 34.31 4.31
CA ALA B 366 -7.58 32.99 4.91
C ALA B 366 -6.17 32.68 5.41
N THR B 367 -5.14 33.09 4.65
CA THR B 367 -3.77 32.78 5.06
C THR B 367 -3.35 33.61 6.27
N VAL B 368 -3.86 34.83 6.42
CA VAL B 368 -3.61 35.62 7.64
C VAL B 368 -3.89 34.77 8.89
N LYS B 369 -5.05 34.10 8.90
CA LYS B 369 -5.46 33.25 10.01
C LYS B 369 -4.48 32.10 10.26
N VAL B 370 -3.88 31.58 9.19
CA VAL B 370 -2.96 30.46 9.31
C VAL B 370 -1.79 30.77 10.24
N SER B 371 -1.27 32.00 10.19
CA SER B 371 -0.16 32.38 11.09
C SER B 371 -0.66 33.10 12.34
N ASN B 372 -1.95 33.00 12.60
CA ASN B 372 -2.63 33.79 13.65
C ASN B 372 -2.27 35.28 13.61
N GLY B 373 -2.31 35.86 12.40
CA GLY B 373 -2.10 37.28 12.17
C GLY B 373 -0.67 37.77 12.07
N HIS B 374 0.30 36.86 11.99
CA HIS B 374 1.71 37.26 11.86
C HIS B 374 2.14 37.51 10.42
N MET B 375 1.20 37.39 9.50
CA MET B 375 1.33 37.94 8.16
C MET B 375 0.12 38.86 7.98
N LYS B 376 0.33 40.02 7.36
CA LYS B 376 -0.76 40.99 7.23
C LYS B 376 -1.50 40.78 5.92
N GLN B 377 -2.80 41.07 5.94
CA GLN B 377 -3.63 41.02 4.72
C GLN B 377 -2.94 41.72 3.54
N GLU B 378 -2.47 42.94 3.76
CA GLU B 378 -1.88 43.72 2.67
C GLU B 378 -0.69 42.99 2.07
N ASP B 379 0.09 42.39 2.95
CA ASP B 379 1.37 41.80 2.53
C ASP B 379 1.12 40.55 1.70
N LEU B 380 0.19 39.72 2.18
CA LEU B 380 -0.18 38.51 1.48
C LEU B 380 -0.91 38.79 0.17
N GLU B 381 -1.72 39.84 0.13
CA GLU B 381 -2.34 40.21 -1.13
C GLU B 381 -1.28 40.56 -2.19
N ARG B 382 -0.21 41.21 -1.77
CA ARG B 382 0.84 41.60 -2.71
C ARG B 382 1.69 40.44 -3.16
N LEU B 383 2.00 39.54 -2.24
CA LEU B 383 2.70 38.30 -2.58
C LEU B 383 1.89 37.46 -3.56
N TYR B 384 0.59 37.32 -3.30
CA TYR B 384 -0.25 36.49 -4.15
C TYR B 384 -0.46 37.15 -5.49
N GLN B 385 -0.49 38.48 -5.51
CA GLN B 385 -0.50 39.23 -6.79
C GLN B 385 0.72 38.94 -7.69
N LEU B 386 1.90 38.89 -7.07
CA LEU B 386 3.16 38.54 -7.78
C LEU B 386 3.03 37.17 -8.43
N GLN B 387 2.51 36.22 -7.66
CA GLN B 387 2.34 34.85 -8.17
C GLN B 387 1.30 34.83 -9.28
N PHE B 388 0.17 35.50 -9.07
CA PHE B 388 -0.85 35.64 -10.09
C PHE B 388 -0.23 36.18 -11.38
N ASP B 389 0.49 37.28 -11.25
CA ASP B 389 1.12 37.87 -12.44
C ASP B 389 2.08 36.92 -13.16
N LEU B 390 2.83 36.10 -12.42
CA LEU B 390 3.72 35.11 -13.04
C LEU B 390 2.92 34.11 -13.89
N ILE B 391 1.82 33.61 -13.32
CA ILE B 391 0.94 32.66 -14.02
C ILE B 391 0.27 33.29 -15.25
N VAL B 392 -0.25 34.51 -15.06
CA VAL B 392 -1.21 35.12 -15.98
C VAL B 392 -0.57 36.01 -17.03
N LYS B 393 0.41 36.82 -16.60
CA LYS B 393 1.04 37.80 -17.50
C LYS B 393 2.31 37.22 -18.13
N ASP B 394 3.15 36.61 -17.29
CA ASP B 394 4.40 36.04 -17.75
C ASP B 394 4.19 34.64 -18.35
N LYS B 395 3.03 34.06 -18.09
CA LYS B 395 2.70 32.71 -18.55
C LYS B 395 3.74 31.64 -18.20
N VAL B 396 4.23 31.67 -16.97
CA VAL B 396 5.13 30.60 -16.51
C VAL B 396 4.36 29.26 -16.49
N PRO B 397 5.08 28.14 -16.63
CA PRO B 397 4.38 26.86 -16.55
C PRO B 397 3.62 26.70 -15.22
N ILE B 398 2.42 26.12 -15.31
CA ILE B 398 1.59 25.91 -14.12
C ILE B 398 1.60 24.44 -13.69
N ALA B 399 2.20 23.59 -14.51
CA ALA B 399 2.30 22.16 -14.21
C ALA B 399 3.64 21.61 -14.61
N GLU B 400 4.09 20.55 -13.92
CA GLU B 400 5.04 19.59 -14.48
C GLU B 400 4.30 18.28 -14.72
N ILE B 401 4.50 17.73 -15.91
CA ILE B 401 3.91 16.46 -16.29
C ILE B 401 5.06 15.56 -16.73
N LEU B 402 5.30 14.50 -15.96
CA LEU B 402 6.23 13.47 -16.35
C LEU B 402 5.51 12.28 -16.96
N PHE B 403 6.07 11.73 -18.03
CA PHE B 403 5.62 10.44 -18.54
C PHE B 403 6.79 9.46 -18.43
N HIS B 404 6.48 8.27 -17.93
CA HIS B 404 7.47 7.23 -17.68
C HIS B 404 6.98 5.92 -18.33
N PRO B 405 7.83 5.28 -19.17
CA PRO B 405 7.46 3.92 -19.57
C PRO B 405 7.52 3.00 -18.35
N GLY B 406 6.53 2.12 -18.18
CA GLY B 406 6.47 1.24 -17.01
C GLY B 406 6.89 -0.21 -17.27
N GLY B 407 7.50 -0.44 -18.42
CA GLY B 407 7.80 -1.79 -18.88
C GLY B 407 6.61 -2.45 -19.56
N GLY B 408 6.88 -3.23 -20.60
CA GLY B 408 5.83 -3.89 -21.35
C GLY B 408 4.83 -2.87 -21.87
N ASN B 409 3.54 -3.12 -21.63
CA ASN B 409 2.52 -2.23 -22.15
C ASN B 409 2.07 -1.15 -21.16
N ALA B 410 2.81 -0.99 -20.07
CA ALA B 410 2.49 0.02 -19.06
C ALA B 410 3.08 1.41 -19.37
N VAL B 411 2.29 2.46 -19.13
CA VAL B 411 2.81 3.83 -19.11
C VAL B 411 2.19 4.55 -17.92
N SER B 412 2.98 5.37 -17.25
CA SER B 412 2.45 6.12 -16.12
C SER B 412 2.81 7.60 -16.26
N SER B 413 1.97 8.46 -15.70
CA SER B 413 2.29 9.86 -15.64
C SER B 413 2.21 10.29 -14.19
N GLU B 414 3.17 11.13 -13.76
CA GLU B 414 3.06 11.82 -12.48
C GLU B 414 3.09 13.30 -12.77
N PHE B 415 2.29 14.06 -12.02
CA PHE B 415 2.10 15.46 -12.35
C PHE B 415 1.77 16.24 -11.10
N TRP B 416 2.06 17.53 -11.14
CA TRP B 416 1.73 18.42 -10.05
C TRP B 416 1.56 19.82 -10.56
N GLY B 417 0.61 20.54 -9.94
CA GLY B 417 0.52 21.96 -10.14
C GLY B 417 1.71 22.62 -9.48
N LEU B 418 2.31 23.58 -10.17
CA LEU B 418 3.57 24.16 -9.72
C LEU B 418 3.35 25.29 -8.72
N LEU B 419 2.23 26.02 -8.86
CA LEU B 419 2.05 27.24 -8.09
C LEU B 419 0.69 27.26 -7.39
N PRO B 420 0.47 26.29 -6.48
CA PRO B 420 -0.72 26.43 -5.65
C PRO B 420 -0.53 27.65 -4.74
N PHE B 421 -1.62 28.22 -4.21
CA PHE B 421 -1.54 29.38 -3.32
C PHE B 421 -1.54 29.00 -1.83
N ALA B 422 -1.91 27.77 -1.49
CA ALA B 422 -2.00 27.37 -0.06
C ALA B 422 -0.68 27.59 0.67
N ARG B 423 -0.76 28.19 1.86
CA ARG B 423 0.40 28.30 2.75
C ARG B 423 0.09 27.66 4.09
N GLY B 424 1.07 26.98 4.66
CA GLY B 424 0.89 26.33 5.94
C GLY B 424 2.02 26.75 6.86
N ASN B 425 2.35 25.89 7.83
CA ASN B 425 3.47 26.19 8.74
C ASN B 425 4.06 24.93 9.35
N ILE B 426 5.22 25.09 9.97
CA ILE B 426 5.82 24.00 10.75
C ILE B 426 6.29 24.63 12.04
N HIS B 427 6.03 23.95 13.16
CA HIS B 427 6.46 24.45 14.46
C HIS B 427 6.84 23.32 15.37
N ILE B 428 7.77 23.59 16.28
CA ILE B 428 8.11 22.61 17.32
C ILE B 428 6.85 22.18 18.08
N SER B 429 6.84 20.93 18.53
CA SER B 429 5.72 20.44 19.36
C SER B 429 6.11 20.39 20.85
N SER B 430 7.40 20.56 21.13
CA SER B 430 7.91 20.66 22.50
C SER B 430 9.35 21.16 22.48
N ASN B 431 9.96 21.35 23.65
CA ASN B 431 11.35 21.75 23.74
C ASN B 431 12.33 20.57 23.60
N ASP B 432 11.79 19.37 23.46
CA ASP B 432 12.57 18.16 23.24
C ASP B 432 12.94 18.10 21.77
N PRO B 433 14.25 18.14 21.45
CA PRO B 433 14.75 18.16 20.06
C PRO B 433 14.43 16.88 19.27
N THR B 434 14.05 15.80 19.96
CA THR B 434 13.66 14.57 19.26
C THR B 434 12.16 14.49 18.94
N ALA B 435 11.36 15.38 19.52
CA ALA B 435 9.90 15.30 19.39
C ALA B 435 9.51 15.68 17.95
N PRO B 436 8.61 14.90 17.32
CA PRO B 436 8.23 15.27 15.95
C PRO B 436 7.50 16.63 15.92
N ALA B 437 7.78 17.43 14.89
CA ALA B 437 7.17 18.75 14.74
C ALA B 437 5.73 18.66 14.27
N ALA B 438 4.96 19.73 14.48
CA ALA B 438 3.65 19.89 13.84
C ALA B 438 3.89 20.47 12.45
N ILE B 439 3.74 19.65 11.43
CA ILE B 439 3.92 20.10 10.05
C ILE B 439 2.56 20.19 9.36
N ASN B 440 2.22 21.37 8.88
CA ASN B 440 0.92 21.53 8.21
C ASN B 440 1.00 22.30 6.90
N PRO B 441 1.11 21.59 5.77
CA PRO B 441 1.26 22.32 4.49
C PRO B 441 -0.05 22.94 3.97
N ASN B 442 -1.19 22.52 4.53
CA ASN B 442 -2.51 22.98 4.06
C ASN B 442 -2.81 22.62 2.60
N TYR B 443 -2.46 21.41 2.18
CA TYR B 443 -2.77 20.95 0.81
C TYR B 443 -4.23 21.14 0.48
N PHE B 444 -4.51 21.62 -0.73
CA PHE B 444 -5.89 21.85 -1.25
C PHE B 444 -6.67 22.94 -0.52
N MET B 445 -5.98 23.80 0.24
CA MET B 445 -6.72 24.83 0.98
C MET B 445 -7.58 25.73 0.09
N PHE B 446 -7.06 26.07 -1.09
CA PHE B 446 -7.72 27.00 -2.01
C PHE B 446 -8.24 26.39 -3.31
N GLU B 447 -9.29 26.99 -3.86
CA GLU B 447 -9.95 26.43 -5.05
C GLU B 447 -8.98 26.28 -6.24
N TRP B 448 -8.18 27.32 -6.50
CA TRP B 448 -7.17 27.23 -7.57
C TRP B 448 -6.33 25.96 -7.44
N ASP B 449 -5.85 25.66 -6.23
CA ASP B 449 -4.88 24.58 -6.05
C ASP B 449 -5.48 23.25 -6.55
N GLY B 450 -6.73 22.99 -6.18
CA GLY B 450 -7.35 21.75 -6.59
C GLY B 450 -7.86 21.77 -8.03
N LYS B 451 -8.45 22.89 -8.45
CA LYS B 451 -9.06 22.97 -9.77
C LYS B 451 -8.01 23.01 -10.87
N SER B 452 -6.85 23.62 -10.56
CA SER B 452 -5.68 23.57 -11.47
C SER B 452 -5.15 22.14 -11.57
N GLN B 453 -5.02 21.44 -10.43
CA GLN B 453 -4.66 20.01 -10.50
C GLN B 453 -5.66 19.21 -11.35
N ALA B 454 -6.95 19.47 -11.19
CA ALA B 454 -7.99 18.77 -11.97
C ALA B 454 -7.83 19.10 -13.45
N GLY B 455 -7.55 20.38 -13.77
CA GLY B 455 -7.29 20.80 -15.16
C GLY B 455 -6.12 20.05 -15.78
N ILE B 456 -5.06 19.84 -14.99
CA ILE B 456 -3.89 19.11 -15.46
C ILE B 456 -4.23 17.64 -15.69
N ALA B 457 -4.97 17.04 -14.76
CA ALA B 457 -5.37 15.63 -14.89
C ALA B 457 -6.25 15.44 -16.13
N LYS B 458 -7.18 16.37 -16.37
CA LYS B 458 -8.06 16.33 -17.56
C LYS B 458 -7.25 16.47 -18.84
N TYR B 459 -6.28 17.35 -18.81
CA TYR B 459 -5.35 17.57 -19.92
C TYR B 459 -4.59 16.28 -20.28
N ILE B 460 -4.09 15.58 -19.25
CA ILE B 460 -3.40 14.31 -19.44
C ILE B 460 -4.35 13.23 -20.00
N ARG B 461 -5.59 13.16 -19.47
CA ARG B 461 -6.56 12.24 -20.05
C ARG B 461 -6.73 12.54 -21.56
N LYS B 462 -6.83 13.83 -21.90
CA LYS B 462 -7.01 14.25 -23.30
C LYS B 462 -5.81 13.86 -24.16
N ILE B 463 -4.60 14.13 -23.65
CA ILE B 463 -3.36 13.68 -24.33
C ILE B 463 -3.36 12.17 -24.60
N LEU B 464 -3.69 11.34 -23.61
CA LEU B 464 -3.70 9.90 -23.80
C LEU B 464 -4.68 9.46 -24.91
N ARG B 465 -5.72 10.26 -25.13
CA ARG B 465 -6.80 9.93 -26.07
C ARG B 465 -6.63 10.63 -27.41
N SER B 466 -5.51 11.31 -27.58
CA SER B 466 -5.28 12.17 -28.74
C SER B 466 -4.26 11.58 -29.71
N ALA B 467 -4.38 11.94 -30.98
CA ALA B 467 -3.48 11.36 -32.00
C ALA B 467 -2.10 12.07 -32.00
N PRO B 468 -1.02 11.32 -32.26
CA PRO B 468 -0.96 9.88 -32.58
C PRO B 468 -0.85 8.94 -31.37
N LEU B 469 -0.75 9.51 -30.16
CA LEU B 469 -0.56 8.67 -28.99
C LEU B 469 -1.71 7.64 -28.85
N ASN B 470 -2.92 8.03 -29.24
CA ASN B 470 -4.07 7.12 -29.12
C ASN B 470 -3.93 5.84 -29.98
N LYS B 471 -3.01 5.85 -30.94
CA LYS B 471 -2.70 4.63 -31.71
C LYS B 471 -1.91 3.62 -30.87
N LEU B 472 -1.24 4.10 -29.82
CA LEU B 472 -0.49 3.19 -28.93
C LEU B 472 -1.21 2.78 -27.65
N ILE B 473 -2.16 3.61 -27.23
CA ILE B 473 -2.78 3.47 -25.90
C ILE B 473 -4.16 2.87 -26.05
N ALA B 474 -4.32 1.65 -25.52
CA ALA B 474 -5.59 0.94 -25.58
C ALA B 474 -6.61 1.55 -24.62
N LYS B 475 -6.18 1.96 -23.43
CA LYS B 475 -7.10 2.64 -22.50
C LYS B 475 -6.38 3.27 -21.33
N GLU B 476 -7.09 4.20 -20.71
CA GLU B 476 -6.66 4.79 -19.45
C GLU B 476 -7.02 3.81 -18.32
N THR B 477 -6.04 3.51 -17.46
CA THR B 477 -6.23 2.56 -16.36
C THR B 477 -6.32 3.26 -14.98
N LYS B 478 -5.82 4.48 -14.89
CA LYS B 478 -5.86 5.25 -13.65
C LYS B 478 -6.07 6.73 -13.98
N PRO B 479 -7.20 7.34 -13.53
CA PRO B 479 -8.33 6.75 -12.77
C PRO B 479 -9.15 5.74 -13.58
N GLY B 480 -9.18 5.93 -14.90
CA GLY B 480 -10.04 5.12 -15.77
C GLY B 480 -11.44 5.70 -15.85
N LEU B 481 -12.16 5.35 -16.92
CA LEU B 481 -13.47 5.93 -17.18
C LEU B 481 -14.58 5.40 -16.30
N SER B 482 -14.33 4.28 -15.61
CA SER B 482 -15.32 3.73 -14.69
C SER B 482 -15.36 4.56 -13.39
N GLU B 483 -14.19 4.84 -12.82
CA GLU B 483 -14.07 5.67 -11.61
C GLU B 483 -14.41 7.14 -11.88
N ILE B 484 -13.89 7.66 -12.99
CA ILE B 484 -14.10 9.06 -13.38
C ILE B 484 -14.62 9.09 -14.82
N PRO B 485 -15.96 9.16 -15.01
CA PRO B 485 -16.52 9.13 -16.36
C PRO B 485 -16.08 10.29 -17.23
N ALA B 486 -16.21 10.13 -18.55
CA ALA B 486 -15.80 11.19 -19.48
C ALA B 486 -16.35 12.57 -19.08
N THR B 487 -17.60 12.62 -18.67
CA THR B 487 -18.23 13.91 -18.39
C THR B 487 -18.29 14.22 -16.90
N ALA B 488 -17.44 13.57 -16.11
CA ALA B 488 -17.37 13.83 -14.65
C ALA B 488 -17.20 15.33 -14.35
N ALA B 489 -17.90 15.82 -13.35
CA ALA B 489 -17.76 17.22 -12.94
C ALA B 489 -16.35 17.53 -12.45
N ASP B 490 -15.96 18.81 -12.54
CA ASP B 490 -14.65 19.22 -12.03
C ASP B 490 -14.44 18.76 -10.57
N GLU B 491 -15.48 18.87 -9.75
CA GLU B 491 -15.37 18.55 -8.33
C GLU B 491 -15.14 17.05 -8.09
N LYS B 492 -15.66 16.22 -8.99
CA LYS B 492 -15.39 14.79 -8.95
C LYS B 492 -13.89 14.47 -9.13
N TRP B 493 -13.26 15.15 -10.11
CA TRP B 493 -11.82 15.04 -10.32
C TRP B 493 -11.09 15.47 -9.06
N VAL B 494 -11.48 16.62 -8.50
CA VAL B 494 -10.84 17.13 -7.28
C VAL B 494 -10.88 16.09 -6.16
N GLU B 495 -12.05 15.50 -5.93
CA GLU B 495 -12.20 14.50 -4.88
C GLU B 495 -11.30 13.30 -5.11
N TRP B 496 -11.25 12.82 -6.36
CA TRP B 496 -10.35 11.71 -6.71
C TRP B 496 -8.88 12.08 -6.43
N LEU B 497 -8.48 13.31 -6.80
CA LEU B 497 -7.10 13.77 -6.58
C LEU B 497 -6.78 13.87 -5.09
N LYS B 498 -7.73 14.37 -4.30
CA LYS B 498 -7.60 14.38 -2.84
C LYS B 498 -7.44 12.99 -2.22
N ALA B 499 -8.10 11.99 -2.80
CA ALA B 499 -8.08 10.65 -2.23
C ALA B 499 -6.76 9.95 -2.51
N ASN B 500 -6.01 10.46 -3.49
CA ASN B 500 -4.88 9.75 -4.06
C ASN B 500 -3.56 10.50 -4.10
N TYR B 501 -3.55 11.76 -3.68
CA TYR B 501 -2.34 12.57 -3.80
C TYR B 501 -1.26 12.18 -2.78
N ARG B 502 -0.05 12.64 -3.05
CA ARG B 502 0.98 12.70 -2.01
C ARG B 502 1.66 14.07 -2.06
N SER B 503 2.42 14.40 -1.01
CA SER B 503 3.34 15.53 -1.07
C SER B 503 4.27 15.39 -2.28
N ASN B 504 4.52 16.49 -2.98
CA ASN B 504 5.54 16.46 -4.03
C ASN B 504 6.95 16.61 -3.47
N PHE B 505 7.04 16.71 -2.13
CA PHE B 505 8.33 16.80 -1.45
C PHE B 505 9.14 18.02 -1.92
N HIS B 506 8.45 19.15 -2.08
CA HIS B 506 8.99 20.39 -2.60
CA HIS B 506 9.10 20.38 -2.52
C HIS B 506 8.78 21.54 -1.56
N PRO B 507 8.89 21.25 -0.23
CA PRO B 507 8.58 22.38 0.69
C PRO B 507 9.62 23.51 0.67
N VAL B 508 9.11 24.75 0.67
CA VAL B 508 9.95 25.95 0.73
C VAL B 508 9.36 26.97 1.72
N GLY B 509 10.10 28.01 2.04
CA GLY B 509 9.50 29.21 2.63
C GLY B 509 9.49 29.36 4.14
N THR B 510 9.94 28.32 4.86
CA THR B 510 9.86 28.28 6.33
C THR B 510 10.90 29.16 7.03
N ALA B 511 11.88 29.67 6.28
CA ALA B 511 12.76 30.77 6.76
C ALA B 511 12.98 31.72 5.57
N ALA B 512 11.86 32.29 5.10
CA ALA B 512 11.84 32.89 3.77
C ALA B 512 12.74 34.11 3.63
N MET B 513 13.44 34.19 2.51
CA MET B 513 14.22 35.38 2.19
C MET B 513 13.26 36.45 1.67
N MET B 514 12.92 37.43 2.53
CA MET B 514 12.06 38.56 2.17
C MET B 514 12.47 39.68 3.10
N PRO B 515 12.17 40.93 2.72
CA PRO B 515 12.45 41.99 3.69
C PRO B 515 11.75 41.68 5.01
N ARG B 516 12.38 42.06 6.12
CA ARG B 516 11.81 41.79 7.44
C ARG B 516 10.40 42.42 7.56
N SER B 517 10.23 43.59 6.94
CA SER B 517 8.98 44.35 7.02
C SER B 517 7.77 43.64 6.41
N ILE B 518 8.00 42.65 5.54
CA ILE B 518 6.88 41.92 4.93
C ILE B 518 6.76 40.50 5.52
N GLY B 519 7.60 40.18 6.50
CA GLY B 519 7.53 38.89 7.19
C GLY B 519 8.69 37.96 6.90
N GLY B 520 9.72 38.44 6.22
CA GLY B 520 10.91 37.62 5.98
C GLY B 520 11.62 37.18 7.25
N VAL B 521 12.32 36.05 7.15
CA VAL B 521 13.15 35.51 8.22
C VAL B 521 14.65 35.76 7.97
N VAL B 522 15.05 35.76 6.70
CA VAL B 522 16.43 36.05 6.34
C VAL B 522 16.55 37.21 5.34
N ASP B 523 17.68 37.91 5.43
CA ASP B 523 17.91 39.05 4.52
C ASP B 523 18.47 38.57 3.17
N ASN B 524 18.91 39.50 2.32
CA ASN B 524 19.35 39.13 0.98
C ASN B 524 20.75 38.50 0.95
N ARG B 525 21.37 38.43 2.13
CA ARG B 525 22.63 37.68 2.31
C ARG B 525 22.41 36.40 3.12
N LEU B 526 21.14 36.04 3.29
CA LEU B 526 20.66 34.83 3.98
CA LEU B 526 20.68 34.82 3.98
C LEU B 526 20.95 34.84 5.49
N ARG B 527 21.26 36.03 6.02
CA ARG B 527 21.39 36.23 7.46
C ARG B 527 20.01 36.31 8.15
N VAL B 528 19.85 35.58 9.25
CA VAL B 528 18.64 35.61 10.04
C VAL B 528 18.50 36.99 10.70
N TYR B 529 17.34 37.62 10.48
CA TYR B 529 17.08 38.93 11.13
C TYR B 529 17.24 38.86 12.66
N GLY B 530 17.81 39.92 13.22
CA GLY B 530 18.05 39.97 14.67
C GLY B 530 19.34 39.31 15.13
N THR B 531 20.09 38.70 14.20
CA THR B 531 21.37 38.01 14.52
C THR B 531 22.49 38.64 13.73
N SER B 532 23.72 38.53 14.21
CA SER B 532 24.84 39.05 13.44
C SER B 532 25.43 38.00 12.50
N ASN B 533 25.30 36.72 12.86
CA ASN B 533 26.20 35.72 12.28
C ASN B 533 25.57 34.35 12.11
N VAL B 534 24.24 34.33 11.94
CA VAL B 534 23.51 33.09 11.67
C VAL B 534 22.88 33.22 10.30
N ARG B 535 23.08 32.20 9.47
CA ARG B 535 22.45 32.16 8.15
C ARG B 535 21.66 30.88 8.00
N VAL B 536 20.67 30.92 7.10
CA VAL B 536 19.99 29.71 6.69
C VAL B 536 20.27 29.58 5.20
N VAL B 537 20.77 28.42 4.78
CA VAL B 537 21.05 28.20 3.38
C VAL B 537 20.52 26.83 3.03
N ASP B 538 19.28 26.80 2.58
CA ASP B 538 18.58 25.57 2.14
C ASP B 538 17.21 25.97 1.59
N ALA B 539 16.35 25.01 1.27
CA ALA B 539 15.04 25.32 0.69
C ALA B 539 14.16 26.21 1.57
N SER B 540 14.46 26.29 2.87
CA SER B 540 13.70 27.17 3.76
C SER B 540 13.65 28.60 3.23
N VAL B 541 14.71 29.03 2.55
CA VAL B 541 14.82 30.45 2.20
C VAL B 541 14.04 30.87 0.93
N LEU B 542 13.69 29.91 0.08
CA LEU B 542 13.00 30.27 -1.15
C LEU B 542 11.66 30.90 -0.76
N PRO B 543 11.37 32.15 -1.23
CA PRO B 543 10.12 32.80 -0.75
C PRO B 543 8.86 32.36 -1.49
N PHE B 544 9.05 31.74 -2.66
CA PHE B 544 7.96 31.17 -3.44
C PHE B 544 8.47 29.85 -3.96
N GLN B 545 7.57 29.01 -4.46
CA GLN B 545 7.99 27.87 -5.26
C GLN B 545 8.71 28.28 -6.52
N VAL B 546 9.50 27.36 -7.04
CA VAL B 546 10.01 27.49 -8.41
C VAL B 546 9.30 26.44 -9.29
N CYS B 547 9.33 26.67 -10.60
CA CYS B 547 8.72 25.73 -11.57
C CYS B 547 9.41 24.37 -11.68
N GLY B 548 10.72 24.32 -11.47
CA GLY B 548 11.46 23.09 -11.73
C GLY B 548 11.78 22.29 -10.48
N HIS B 549 12.71 21.37 -10.61
CA HIS B 549 13.10 20.46 -9.53
C HIS B 549 14.12 21.15 -8.63
N LEU B 550 13.95 21.01 -7.34
CA LEU B 550 14.69 21.90 -6.42
C LEU B 550 16.23 21.91 -6.43
N VAL B 551 16.89 20.76 -6.62
CA VAL B 551 18.35 20.74 -6.31
C VAL B 551 19.15 21.75 -7.15
N SER B 552 18.83 21.85 -8.44
CA SER B 552 19.56 22.73 -9.32
C SER B 552 19.60 24.15 -8.72
N THR B 553 18.44 24.61 -8.26
CA THR B 553 18.30 25.97 -7.69
C THR B 553 18.96 26.06 -6.32
N LEU B 554 18.81 25.02 -5.50
CA LEU B 554 19.45 25.03 -4.17
C LEU B 554 20.96 25.04 -4.32
N TYR B 555 21.48 24.28 -5.28
CA TYR B 555 22.94 24.33 -5.50
C TYR B 555 23.39 25.72 -5.88
N ALA B 556 22.63 26.35 -6.78
CA ALA B 556 22.96 27.69 -7.25
C ALA B 556 22.87 28.71 -6.11
N VAL B 557 21.80 28.64 -5.31
CA VAL B 557 21.64 29.55 -4.18
C VAL B 557 22.80 29.39 -3.18
N ALA B 558 23.18 28.15 -2.89
CA ALA B 558 24.23 27.87 -1.91
C ALA B 558 25.57 28.31 -2.49
N GLU B 559 25.75 28.16 -3.79
CA GLU B 559 26.97 28.68 -4.43
C GLU B 559 27.06 30.21 -4.26
N ARG B 560 25.95 30.91 -4.51
CA ARG B 560 25.95 32.36 -4.38
C ARG B 560 26.13 32.79 -2.93
N ALA B 561 25.44 32.10 -2.02
CA ALA B 561 25.54 32.42 -0.59
C ALA B 561 26.99 32.26 -0.11
N SER B 562 27.65 31.23 -0.60
CA SER B 562 29.04 30.99 -0.23
C SER B 562 29.90 32.21 -0.56
N ASP B 563 29.70 32.79 -1.74
CA ASP B 563 30.42 34.02 -2.11
C ASP B 563 30.06 35.20 -1.21
N LEU B 564 28.79 35.29 -0.81
CA LEU B 564 28.34 36.35 0.08
C LEU B 564 28.95 36.24 1.49
N ILE B 565 29.04 35.03 1.99
CA ILE B 565 29.74 34.77 3.26
C ILE B 565 31.22 35.13 3.17
N LYS B 566 31.87 34.71 2.10
CA LYS B 566 33.31 35.03 1.91
C LYS B 566 33.53 36.53 1.87
N GLU B 567 32.68 37.26 1.16
CA GLU B 567 32.75 38.72 1.07
C GLU B 567 32.60 39.39 2.45
N ASP B 568 31.69 38.88 3.27
CA ASP B 568 31.43 39.43 4.61
C ASP B 568 32.55 39.15 5.59
N ALA B 569 33.31 38.08 5.37
CA ALA B 569 34.45 37.78 6.23
C ALA B 569 35.63 38.71 5.90
#